data_7V4L
#
_entry.id   7V4L
#
_cell.length_a   1.00
_cell.length_b   1.00
_cell.length_c   1.00
_cell.angle_alpha   90.00
_cell.angle_beta   90.00
_cell.angle_gamma   90.00
#
_symmetry.space_group_name_H-M   'P 1'
#
_entity_poly.entity_id   1
_entity_poly.type   'polypeptide(L)'
_entity_poly.pdbx_seq_one_letter_code
;MSLLSDLCNLNLSESTEKIIAEYIWIGGSGMDLRSKARTLNAPVSDPSKLPQWNYDGSSTGQAPGEDSEVILYPQAIYKD
PFRRGNNILVMCDAYTPGGEPIPTNKRFDAAKIFSHPDVVAEEPWYGIEQEYTLLQKEVKWPIGWPVGGYPGPQGPYYCG
IGADKAFGRDIVDAHYKACLYAGINISGINGEVMPGQWEFQVGPSVGISSGDQLWMARYILERITEIAGVVVSFDPKPIE
GDWNGAGAHTNYSTKSMRSDGGFEVIKKAIEKLGLKHREHIAAYGEGNERRLTGKHETADINTFLWGVANRGASIRVGRD
TEKAGKGYFEDRRPASNMDPYIVTSMIANTTILWKP
;
_entity_poly.pdbx_strand_id   A,B,C,D,E
#
# COMPACT_ATOMS: atom_id res chain seq x y z
N SER A 2 2.49 -2.65 7.73
CA SER A 2 2.53 -1.20 7.90
C SER A 2 2.58 -0.82 9.37
N LEU A 3 3.80 -0.75 9.91
CA LEU A 3 4.00 -0.45 11.32
C LEU A 3 3.92 1.06 11.52
N LEU A 4 2.88 1.51 12.22
CA LEU A 4 2.62 2.89 12.63
C LEU A 4 2.17 3.78 11.49
N SER A 5 2.27 3.33 10.24
CA SER A 5 1.97 4.18 9.09
C SER A 5 0.49 4.18 8.72
N ASP A 6 -0.30 3.27 9.28
CA ASP A 6 -1.74 3.29 9.03
C ASP A 6 -2.34 4.59 9.54
N LEU A 7 -1.89 5.05 10.70
CA LEU A 7 -2.25 6.34 11.24
C LEU A 7 -1.43 7.41 10.52
N CYS A 8 -1.37 8.61 11.10
CA CYS A 8 -0.66 9.78 10.57
C CYS A 8 -1.32 10.33 9.32
N ASN A 9 -2.32 9.65 8.76
CA ASN A 9 -2.93 10.04 7.50
C ASN A 9 -4.45 9.92 7.61
N LEU A 10 -4.99 10.23 8.78
CA LEU A 10 -6.42 10.12 8.99
C LEU A 10 -7.11 11.35 8.40
N ASN A 11 -8.38 11.55 8.74
CA ASN A 11 -9.14 12.68 8.25
C ASN A 11 -9.73 13.45 9.42
N LEU A 12 -10.06 14.72 9.16
CA LEU A 12 -10.64 15.58 10.17
C LEU A 12 -11.98 16.19 9.76
N SER A 13 -12.34 16.14 8.49
CA SER A 13 -13.59 16.76 8.05
C SER A 13 -14.82 16.05 8.58
N GLU A 14 -14.66 14.87 9.18
CA GLU A 14 -15.79 14.11 9.71
C GLU A 14 -15.92 14.28 11.22
N SER A 15 -14.86 13.99 11.97
CA SER A 15 -14.96 13.92 13.42
C SER A 15 -14.92 15.30 14.07
N THR A 16 -13.80 15.99 13.95
CA THR A 16 -13.57 17.25 14.65
C THR A 16 -13.00 18.28 13.70
N GLU A 17 -13.52 19.51 13.77
CA GLU A 17 -13.09 20.62 12.92
C GLU A 17 -11.81 21.28 13.41
N LYS A 18 -11.06 20.64 14.30
CA LYS A 18 -9.79 21.19 14.75
C LYS A 18 -8.77 21.17 13.62
N ILE A 19 -7.91 22.20 13.58
CA ILE A 19 -6.85 22.31 12.59
C ILE A 19 -5.54 22.55 13.35
N ILE A 20 -4.72 21.52 13.49
CA ILE A 20 -3.46 21.68 14.18
C ILE A 20 -2.62 22.72 13.45
N ALA A 21 -2.03 23.65 14.19
CA ALA A 21 -1.20 24.72 13.62
C ALA A 21 0.12 24.73 14.38
N GLU A 22 1.14 24.09 13.81
CA GLU A 22 2.45 24.05 14.45
C GLU A 22 3.06 25.45 14.48
N TYR A 23 3.88 25.73 15.49
CA TYR A 23 4.52 27.02 15.65
C TYR A 23 6.03 26.87 15.52
N ILE A 24 6.63 27.68 14.65
CA ILE A 24 8.00 27.53 14.20
C ILE A 24 8.79 28.80 14.53
N TRP A 25 10.01 28.63 15.01
CA TRP A 25 10.87 29.77 15.30
C TRP A 25 12.33 29.36 15.15
N ILE A 26 13.18 30.37 14.95
CA ILE A 26 14.60 30.13 14.71
C ILE A 26 15.27 29.73 16.02
N GLY A 27 16.21 28.78 15.92
CA GLY A 27 16.84 28.24 17.11
C GLY A 27 17.95 29.13 17.68
N GLY A 28 19.06 28.52 18.06
CA GLY A 28 20.12 29.24 18.71
C GLY A 28 21.16 29.83 17.76
N SER A 29 22.42 29.50 17.98
CA SER A 29 23.50 30.04 17.16
C SER A 29 23.40 29.53 15.72
N GLY A 30 23.15 28.24 15.55
CA GLY A 30 23.09 27.65 14.24
C GLY A 30 21.76 27.89 13.54
N MET A 31 21.66 27.34 12.34
CA MET A 31 20.43 27.44 11.54
C MET A 31 19.49 26.26 11.80
N ASP A 32 19.25 25.99 13.08
CA ASP A 32 18.36 24.91 13.51
C ASP A 32 16.98 25.51 13.76
N LEU A 33 16.16 25.53 12.71
CA LEU A 33 14.82 26.08 12.79
C LEU A 33 13.93 25.12 13.56
N ARG A 34 13.63 25.43 14.81
CA ARG A 34 12.88 24.52 15.66
C ARG A 34 11.40 24.89 15.67
N SER A 35 10.61 24.03 16.31
CA SER A 35 9.16 24.22 16.33
C SER A 35 8.54 23.26 17.32
N LYS A 36 7.28 23.53 17.66
CA LYS A 36 6.48 22.61 18.47
C LYS A 36 5.02 22.76 18.09
N ALA A 37 4.24 21.72 18.38
CA ALA A 37 2.90 21.58 17.84
C ALA A 37 1.85 21.98 18.86
N ARG A 38 0.78 22.58 18.37
CA ARG A 38 -0.42 22.81 19.16
C ARG A 38 -1.57 23.18 18.22
N THR A 39 -2.78 23.18 18.78
CA THR A 39 -4.00 23.09 18.00
C THR A 39 -4.64 24.46 17.79
N LEU A 40 -5.86 24.43 17.23
CA LEU A 40 -6.68 25.62 17.00
C LEU A 40 -8.12 25.14 16.91
N ASN A 41 -9.02 26.03 16.49
CA ASN A 41 -10.45 25.74 16.52
C ASN A 41 -11.06 25.72 15.13
N ALA A 42 -10.93 26.81 14.37
CA ALA A 42 -11.64 26.95 13.10
C ALA A 42 -10.66 27.24 11.96
N PRO A 43 -10.96 26.80 10.74
CA PRO A 43 -10.03 27.03 9.62
C PRO A 43 -10.00 28.47 9.12
N VAL A 44 -8.92 29.18 9.42
CA VAL A 44 -8.69 30.55 8.95
C VAL A 44 -7.24 30.67 8.51
N SER A 45 -7.02 31.35 7.38
CA SER A 45 -5.69 31.55 6.84
C SER A 45 -5.12 32.95 7.04
N ASP A 46 -5.91 33.90 7.54
CA ASP A 46 -5.42 35.26 7.78
C ASP A 46 -4.55 35.28 9.01
N PRO A 47 -3.28 35.70 8.91
CA PRO A 47 -2.39 35.68 10.09
C PRO A 47 -2.70 36.77 11.09
N SER A 48 -3.78 37.52 10.90
CA SER A 48 -4.19 38.57 11.81
C SER A 48 -5.25 38.12 12.81
N LYS A 49 -5.60 36.83 12.80
CA LYS A 49 -6.58 36.30 13.73
C LYS A 49 -6.04 35.28 14.71
N LEU A 50 -4.89 34.67 14.44
CA LEU A 50 -4.33 33.70 15.37
C LEU A 50 -3.83 34.40 16.63
N PRO A 51 -4.17 33.90 17.81
CA PRO A 51 -3.72 34.54 19.04
C PRO A 51 -2.23 34.38 19.27
N GLN A 52 -1.66 35.37 19.97
CA GLN A 52 -0.23 35.43 20.23
C GLN A 52 0.14 34.43 21.33
N TRP A 53 1.12 33.58 21.04
CA TRP A 53 1.49 32.50 21.96
C TRP A 53 2.96 32.62 22.35
N ASN A 54 3.53 31.66 23.05
CA ASN A 54 4.89 31.86 23.57
C ASN A 54 5.53 30.52 23.88
N TYR A 55 6.73 30.59 24.47
CA TYR A 55 7.41 29.40 24.95
C TYR A 55 8.43 29.81 26.01
N ASP A 56 9.15 28.81 26.51
CA ASP A 56 10.24 28.98 27.46
C ASP A 56 11.56 28.77 26.74
N GLY A 57 12.49 29.72 26.93
CA GLY A 57 13.77 29.67 26.25
C GLY A 57 14.90 29.10 27.08
N SER A 58 14.71 29.06 28.40
CA SER A 58 15.76 28.54 29.27
C SER A 58 15.99 27.04 29.06
N SER A 59 14.97 26.31 28.61
CA SER A 59 15.10 24.89 28.38
C SER A 59 16.00 24.60 27.17
N SER A 68 14.05 33.91 29.69
CA SER A 68 13.56 32.57 29.37
C SER A 68 12.24 32.64 28.60
N GLU A 69 11.29 33.42 29.09
CA GLU A 69 9.99 33.54 28.43
C GLU A 69 10.13 34.31 27.13
N VAL A 70 9.72 33.70 26.02
CA VAL A 70 9.86 34.29 24.69
C VAL A 70 8.51 34.22 23.99
N ILE A 71 7.99 35.37 23.56
CA ILE A 71 6.67 35.43 22.95
C ILE A 71 6.82 35.36 21.43
N LEU A 72 5.82 34.76 20.77
CA LEU A 72 5.78 34.58 19.32
C LEU A 72 4.42 35.01 18.80
N TYR A 73 4.43 35.58 17.60
CA TYR A 73 3.26 36.10 16.90
C TYR A 73 3.14 35.40 15.55
N PRO A 74 1.92 35.18 15.06
CA PRO A 74 1.75 34.53 13.76
C PRO A 74 1.74 35.49 12.59
N GLN A 75 2.57 35.23 11.57
CA GLN A 75 2.55 36.03 10.36
C GLN A 75 2.54 35.22 9.07
N ALA A 76 3.07 33.99 9.06
CA ALA A 76 3.07 33.15 7.88
C ALA A 76 2.25 31.90 8.17
N ILE A 77 1.22 31.68 7.35
CA ILE A 77 0.18 30.67 7.58
C ILE A 77 0.08 29.87 6.29
N TYR A 78 0.78 28.74 6.20
CA TYR A 78 0.80 28.00 4.94
C TYR A 78 0.62 26.52 5.20
N LYS A 79 0.05 25.81 4.22
CA LYS A 79 -0.39 24.43 4.41
C LYS A 79 0.77 23.48 4.75
N ASP A 80 0.43 22.23 5.01
CA ASP A 80 1.30 21.26 5.65
C ASP A 80 1.67 20.14 4.68
N PRO A 81 2.95 19.77 4.61
CA PRO A 81 3.34 18.64 3.76
C PRO A 81 2.99 17.30 4.38
N PHE A 82 3.30 17.15 5.67
CA PHE A 82 3.30 15.86 6.35
C PHE A 82 1.99 15.59 7.08
N ARG A 83 1.02 16.48 6.94
CA ARG A 83 -0.23 16.32 7.67
C ARG A 83 -1.42 16.56 6.76
N ARG A 84 -1.23 17.38 5.73
CA ARG A 84 -2.23 17.67 4.72
C ARG A 84 -3.57 18.08 5.32
N GLY A 85 -4.64 17.96 4.54
CA GLY A 85 -5.96 18.34 4.98
C GLY A 85 -6.13 19.84 5.14
N ASN A 86 -6.31 20.30 6.38
CA ASN A 86 -6.37 21.72 6.68
C ASN A 86 -5.28 22.15 7.66
N ASN A 87 -4.41 21.23 8.06
CA ASN A 87 -3.35 21.53 9.00
C ASN A 87 -2.34 22.49 8.39
N ILE A 88 -1.76 23.35 9.24
CA ILE A 88 -1.02 24.52 8.79
C ILE A 88 0.27 24.65 9.57
N LEU A 89 1.35 25.01 8.86
CA LEU A 89 2.57 25.50 9.49
C LEU A 89 2.48 27.01 9.67
N VAL A 90 2.94 27.47 10.83
CA VAL A 90 2.96 28.89 11.18
C VAL A 90 4.40 29.29 11.45
N MET A 91 4.85 30.35 10.80
CA MET A 91 6.19 30.89 10.99
C MET A 91 6.14 32.00 12.04
N CYS A 92 6.98 31.89 13.06
CA CYS A 92 7.02 32.86 14.13
C CYS A 92 8.44 33.25 14.47
N ASP A 93 8.60 34.50 14.90
CA ASP A 93 9.89 35.06 15.29
C ASP A 93 9.93 35.36 16.78
N ALA A 94 11.15 35.32 17.34
CA ALA A 94 11.33 35.38 18.79
C ALA A 94 11.32 36.83 19.27
N TYR A 95 10.25 37.22 19.95
CA TYR A 95 10.14 38.52 20.60
C TYR A 95 10.26 38.35 22.11
N THR A 96 10.72 39.40 22.78
CA THR A 96 10.77 39.45 24.23
C THR A 96 9.88 40.57 24.73
N PRO A 97 8.95 40.31 25.66
CA PRO A 97 8.03 41.34 26.15
C PRO A 97 8.63 42.16 27.30
N GLU A 100 10.68 43.93 23.00
CA GLU A 100 11.84 44.10 22.14
C GLU A 100 12.27 42.78 21.53
N PRO A 101 12.49 42.77 20.21
CA PRO A 101 12.97 41.55 19.55
C PRO A 101 14.33 41.13 20.09
N ILE A 102 14.53 39.82 20.21
CA ILE A 102 15.80 39.25 20.65
C ILE A 102 16.82 39.48 19.55
N PRO A 103 18.12 39.63 19.88
CA PRO A 103 19.12 39.77 18.81
C PRO A 103 19.12 38.60 17.84
N THR A 104 18.82 37.39 18.31
CA THR A 104 18.79 36.22 17.43
C THR A 104 17.69 36.32 16.38
N ASN A 105 16.70 37.19 16.59
CA ASN A 105 15.60 37.34 15.64
C ASN A 105 16.12 37.78 14.28
N LYS A 106 16.72 38.98 14.22
CA LYS A 106 17.27 39.57 13.00
C LYS A 106 16.20 39.78 11.93
N ARG A 107 14.93 39.93 12.33
CA ARG A 107 13.85 40.14 11.40
C ARG A 107 13.16 41.49 11.54
N PHE A 108 13.23 42.11 12.72
CA PHE A 108 12.54 43.39 12.93
C PHE A 108 13.13 44.47 12.03
N ASP A 109 14.46 44.51 11.91
CA ASP A 109 15.09 45.51 11.05
C ASP A 109 14.69 45.32 9.59
N ALA A 110 14.67 44.06 9.13
CA ALA A 110 14.26 43.79 7.76
C ALA A 110 12.81 44.18 7.53
N ALA A 111 11.94 43.87 8.49
CA ALA A 111 10.53 44.22 8.35
C ALA A 111 10.33 45.73 8.29
N LYS A 112 11.05 46.47 9.14
CA LYS A 112 10.90 47.93 9.12
C LYS A 112 11.54 48.54 7.88
N ILE A 113 12.56 47.90 7.33
CA ILE A 113 13.16 48.39 6.10
C ILE A 113 12.22 48.17 4.92
N PHE A 114 11.63 46.98 4.82
CA PHE A 114 10.77 46.64 3.70
C PHE A 114 9.34 47.16 3.85
N SER A 115 8.98 47.69 5.02
CA SER A 115 7.66 48.26 5.22
C SER A 115 7.75 49.68 5.76
N GLU A 123 9.43 47.61 -3.94
CA GLU A 123 8.92 46.26 -4.10
C GLU A 123 9.98 45.37 -4.74
N PRO A 124 10.94 44.90 -3.94
CA PRO A 124 12.02 44.09 -4.49
C PRO A 124 11.73 42.60 -4.47
N TRP A 125 12.12 41.90 -5.53
CA TRP A 125 11.94 40.45 -5.62
C TRP A 125 13.31 39.78 -5.59
N TYR A 126 13.43 38.72 -4.79
CA TYR A 126 14.71 38.06 -4.56
C TYR A 126 14.61 36.60 -4.95
N GLY A 127 15.33 36.21 -6.00
CA GLY A 127 15.49 34.82 -6.34
C GLY A 127 16.75 34.22 -5.76
N ILE A 128 16.94 34.34 -4.45
CA ILE A 128 18.18 33.87 -3.83
C ILE A 128 18.38 32.39 -4.08
N GLU A 129 19.64 32.01 -4.28
CA GLU A 129 20.02 30.63 -4.55
C GLU A 129 20.58 30.01 -3.27
N GLN A 130 20.27 28.72 -3.07
CA GLN A 130 20.74 28.02 -1.88
C GLN A 130 21.05 26.57 -2.22
N GLU A 131 22.11 26.05 -1.59
CA GLU A 131 22.51 24.67 -1.73
C GLU A 131 21.99 23.87 -0.54
N TYR A 132 21.64 22.60 -0.78
CA TYR A 132 21.21 21.73 0.32
C TYR A 132 21.85 20.35 0.22
N THR A 133 23.18 20.34 0.14
CA THR A 133 23.98 19.12 0.22
C THR A 133 23.40 18.16 1.26
N LEU A 134 23.13 16.93 0.83
CA LEU A 134 22.52 15.92 1.69
C LEU A 134 23.29 14.62 1.60
N LEU A 135 23.52 13.98 2.75
CA LEU A 135 24.29 12.76 2.85
C LEU A 135 23.53 11.75 3.71
N GLN A 136 24.15 10.60 3.96
CA GLN A 136 23.50 9.57 4.75
C GLN A 136 23.53 9.92 6.23
N LYS A 137 22.56 9.40 6.97
CA LYS A 137 22.46 9.69 8.40
C LYS A 137 23.57 8.99 9.18
N GLU A 138 23.63 7.66 9.09
CA GLU A 138 24.53 6.90 9.95
C GLU A 138 25.99 7.19 9.64
N VAL A 139 26.36 7.26 8.36
CA VAL A 139 27.76 7.37 7.97
C VAL A 139 28.18 8.78 7.59
N LYS A 140 27.23 9.71 7.44
CA LYS A 140 27.53 11.09 7.04
C LYS A 140 28.33 11.13 5.73
N TRP A 141 27.94 10.28 4.80
CA TRP A 141 28.61 10.13 3.52
C TRP A 141 27.56 10.00 2.43
N PRO A 142 27.91 10.29 1.18
CA PRO A 142 26.93 10.15 0.08
C PRO A 142 26.41 8.72 -0.01
N ILE A 143 25.16 8.59 -0.43
CA ILE A 143 24.50 7.28 -0.45
C ILE A 143 25.22 6.34 -1.40
N GLY A 144 25.59 6.82 -2.58
CA GLY A 144 26.30 6.02 -3.54
C GLY A 144 27.79 6.31 -3.58
N PRO A 156 31.78 15.86 -15.89
CA PRO A 156 30.53 15.55 -16.58
C PRO A 156 29.49 14.92 -15.66
N TYR A 157 29.25 15.55 -14.52
CA TYR A 157 28.27 15.07 -13.55
C TYR A 157 27.12 16.05 -13.34
N TYR A 158 27.10 17.18 -14.05
CA TYR A 158 26.04 18.16 -13.88
C TYR A 158 24.70 17.57 -14.26
N CYS A 159 23.78 17.51 -13.29
CA CYS A 159 22.46 16.94 -13.49
C CYS A 159 22.55 15.51 -14.01
N GLY A 160 23.45 14.73 -13.42
CA GLY A 160 23.67 13.37 -13.87
C GLY A 160 22.48 12.47 -13.61
N ILE A 161 22.40 11.39 -14.39
CA ILE A 161 21.31 10.44 -14.29
C ILE A 161 21.89 9.03 -14.35
N GLY A 162 21.26 8.11 -13.62
CA GLY A 162 21.69 6.73 -13.62
C GLY A 162 22.54 6.35 -12.43
N ALA A 163 23.38 5.33 -12.61
CA ALA A 163 24.21 4.84 -11.53
C ALA A 163 25.30 5.85 -11.17
N ASP A 164 25.56 6.01 -9.87
CA ASP A 164 26.62 6.87 -9.37
C ASP A 164 26.41 8.33 -9.76
N LYS A 165 25.16 8.74 -9.98
CA LYS A 165 24.84 10.12 -10.33
C LYS A 165 23.93 10.78 -9.32
N ALA A 166 22.78 10.18 -9.02
CA ALA A 166 21.81 10.76 -8.11
C ALA A 166 21.68 9.86 -6.88
N PHE A 167 22.30 10.27 -5.78
CA PHE A 167 22.27 9.50 -4.53
C PHE A 167 21.00 9.83 -3.75
N GLY A 168 19.86 9.48 -4.36
CA GLY A 168 18.57 9.75 -3.77
C GLY A 168 17.89 10.95 -4.40
N ARG A 169 16.99 10.69 -5.34
CA ARG A 169 16.19 11.74 -5.94
C ARG A 169 14.73 11.68 -5.50
N ASP A 170 14.34 10.60 -4.83
CA ASP A 170 12.99 10.50 -4.29
C ASP A 170 12.74 11.58 -3.24
N ILE A 171 13.68 11.76 -2.31
CA ILE A 171 13.54 12.81 -1.30
C ILE A 171 13.50 14.18 -1.97
N VAL A 172 14.25 14.33 -3.06
CA VAL A 172 14.35 15.62 -3.73
C VAL A 172 13.05 15.96 -4.45
N ASP A 173 12.48 14.98 -5.16
CA ASP A 173 11.17 15.18 -5.78
C ASP A 173 10.10 15.41 -4.73
N ALA A 174 10.20 14.72 -3.60
CA ALA A 174 9.27 14.94 -2.50
C ALA A 174 9.36 16.37 -2.00
N HIS A 175 10.58 16.87 -1.78
CA HIS A 175 10.74 18.24 -1.29
C HIS A 175 10.20 19.24 -2.31
N TYR A 176 10.49 19.02 -3.59
CA TYR A 176 9.98 19.92 -4.62
C TYR A 176 8.46 19.98 -4.59
N LYS A 177 7.80 18.82 -4.61
CA LYS A 177 6.34 18.83 -4.68
C LYS A 177 5.71 19.30 -3.38
N ALA A 178 6.29 19.00 -2.23
CA ALA A 178 5.79 19.55 -0.98
C ALA A 178 5.87 21.06 -0.97
N CYS A 179 6.98 21.60 -1.49
CA CYS A 179 7.13 23.06 -1.55
C CYS A 179 6.08 23.69 -2.45
N LEU A 180 5.80 23.10 -3.61
CA LEU A 180 4.71 23.66 -4.42
C LEU A 180 3.37 23.52 -3.72
N TYR A 181 3.17 22.41 -3.00
CA TYR A 181 1.88 22.17 -2.36
C TYR A 181 1.62 23.18 -1.25
N ALA A 182 2.64 23.51 -0.45
CA ALA A 182 2.43 24.33 0.73
C ALA A 182 1.91 25.72 0.36
N GLY A 183 2.58 26.38 -0.58
CA GLY A 183 2.25 27.75 -0.92
C GLY A 183 3.51 28.52 -1.24
N ILE A 184 4.66 27.89 -0.98
CA ILE A 184 5.94 28.46 -1.37
C ILE A 184 5.94 28.69 -2.87
N ASN A 185 6.38 29.88 -3.29
CA ASN A 185 6.55 30.17 -4.71
C ASN A 185 7.96 29.73 -5.10
N ILE A 186 8.14 28.41 -5.26
CA ILE A 186 9.41 27.81 -5.66
C ILE A 186 9.40 27.67 -7.18
N SER A 187 10.58 27.80 -7.79
CA SER A 187 10.65 27.80 -9.25
C SER A 187 11.53 26.68 -9.81
N GLY A 188 12.78 26.54 -9.37
CA GLY A 188 13.72 25.67 -10.05
C GLY A 188 14.52 24.80 -9.10
N ILE A 189 15.32 23.93 -9.71
CA ILE A 189 16.19 23.00 -8.98
C ILE A 189 17.28 22.55 -9.93
N ASN A 190 18.46 22.26 -9.37
CA ASN A 190 19.62 21.88 -10.17
C ASN A 190 20.36 20.75 -9.49
N GLY A 191 21.11 19.99 -10.27
CA GLY A 191 22.07 19.06 -9.71
C GLY A 191 23.44 19.70 -9.57
N GLU A 192 24.43 18.88 -9.23
CA GLU A 192 25.80 19.35 -9.07
C GLU A 192 26.79 18.27 -9.47
N VAL A 193 28.01 18.70 -9.77
CA VAL A 193 29.05 17.80 -10.27
C VAL A 193 29.66 17.01 -9.13
N MET A 194 30.17 17.70 -8.12
CA MET A 194 30.74 17.05 -6.95
C MET A 194 29.65 16.23 -6.29
N PRO A 195 29.85 14.93 -6.09
CA PRO A 195 28.80 14.11 -5.48
C PRO A 195 28.25 14.69 -4.19
N GLY A 196 26.94 14.87 -4.14
CA GLY A 196 26.24 15.29 -2.94
C GLY A 196 25.47 16.58 -3.03
N GLN A 197 26.07 17.62 -3.61
CA GLN A 197 25.44 18.94 -3.58
C GLN A 197 24.22 19.00 -4.49
N TRP A 198 23.30 19.90 -4.14
CA TRP A 198 22.09 20.16 -4.89
C TRP A 198 21.82 21.66 -4.82
N GLU A 199 20.63 22.07 -5.25
CA GLU A 199 20.28 23.48 -5.26
C GLU A 199 18.82 23.62 -5.68
N PHE A 200 18.11 24.57 -5.07
CA PHE A 200 16.79 24.92 -5.55
C PHE A 200 16.63 26.44 -5.56
N GLN A 201 15.91 26.92 -6.57
CA GLN A 201 15.58 28.33 -6.68
C GLN A 201 14.42 28.66 -5.77
N VAL A 202 14.40 29.91 -5.27
CA VAL A 202 13.41 30.30 -4.27
C VAL A 202 12.23 31.04 -4.91
N GLY A 203 12.35 31.47 -6.16
CA GLY A 203 11.24 32.05 -6.88
C GLY A 203 11.06 33.53 -6.65
N PRO A 204 10.02 34.11 -7.25
CA PRO A 204 9.72 35.55 -7.15
C PRO A 204 9.05 35.94 -5.83
N SER A 205 9.85 36.08 -4.80
CA SER A 205 9.39 36.43 -3.46
C SER A 205 9.57 37.92 -3.24
N VAL A 206 8.50 38.58 -2.76
CA VAL A 206 8.44 40.03 -2.70
C VAL A 206 9.04 40.49 -1.37
N GLY A 207 10.25 41.06 -1.45
CA GLY A 207 10.89 41.70 -0.31
C GLY A 207 10.98 40.86 0.94
N ILE A 208 10.30 41.31 2.00
CA ILE A 208 10.32 40.61 3.28
C ILE A 208 9.75 39.22 3.18
N SER A 209 8.87 38.98 2.19
CA SER A 209 8.37 37.63 1.98
C SER A 209 9.52 36.63 1.78
N SER A 210 10.63 37.10 1.20
CA SER A 210 11.79 36.23 1.09
C SER A 210 12.56 36.24 2.41
N GLY A 211 11.83 36.06 3.50
CA GLY A 211 12.39 35.78 4.81
C GLY A 211 11.55 34.68 5.41
N ASP A 212 10.42 34.43 4.76
CA ASP A 212 9.54 33.33 5.10
C ASP A 212 9.71 32.17 4.12
N GLN A 213 9.57 32.47 2.83
CA GLN A 213 9.55 31.45 1.78
C GLN A 213 10.95 30.94 1.48
N LEU A 214 11.93 31.28 2.30
CA LEU A 214 13.20 30.60 2.24
C LEU A 214 13.61 30.02 3.58
N TRP A 215 12.79 30.13 4.62
CA TRP A 215 13.00 29.44 5.89
C TRP A 215 12.07 28.26 6.08
N MET A 216 10.75 28.47 5.94
CA MET A 216 9.82 27.35 6.07
C MET A 216 9.98 26.38 4.92
N ALA A 217 10.19 26.87 3.70
CA ALA A 217 10.60 26.02 2.60
C ALA A 217 12.00 25.46 2.79
N ARG A 218 12.79 26.04 3.69
CA ARG A 218 14.01 25.43 4.18
C ARG A 218 13.75 24.51 5.37
N TYR A 219 12.63 24.73 6.06
CA TYR A 219 12.25 23.86 7.18
C TYR A 219 11.71 22.53 6.69
N ILE A 220 10.93 22.54 5.61
CA ILE A 220 10.27 21.33 5.14
C ILE A 220 11.27 20.22 4.88
N LEU A 221 12.33 20.56 4.15
CA LEU A 221 13.39 19.57 3.87
C LEU A 221 13.92 18.94 5.14
N GLU A 222 14.02 19.74 6.21
CA GLU A 222 14.60 19.24 7.46
C GLU A 222 13.85 18.01 7.98
N ARG A 223 12.56 17.90 7.70
CA ARG A 223 11.83 16.72 8.12
C ARG A 223 11.96 15.59 7.10
N ILE A 224 11.99 15.92 5.81
CA ILE A 224 11.94 14.89 4.78
C ILE A 224 13.16 14.00 4.84
N THR A 225 14.35 14.60 4.93
CA THR A 225 15.55 13.80 5.15
C THR A 225 15.43 13.03 6.45
N GLU A 226 14.87 13.64 7.49
CA GLU A 226 14.68 12.97 8.76
C GLU A 226 13.77 11.76 8.62
N ILE A 227 12.88 11.75 7.63
CA ILE A 227 12.06 10.58 7.39
C ILE A 227 12.92 9.38 7.01
N ALA A 228 13.93 9.60 6.17
CA ALA A 228 14.82 8.54 5.74
C ALA A 228 16.07 8.52 6.62
N GLY A 229 17.05 7.72 6.23
CA GLY A 229 18.35 7.74 6.88
C GLY A 229 19.25 8.77 6.22
N VAL A 230 18.75 9.98 6.03
CA VAL A 230 19.44 11.04 5.32
C VAL A 230 19.50 12.27 6.21
N VAL A 231 20.67 12.91 6.25
CA VAL A 231 20.86 14.16 6.96
C VAL A 231 21.28 15.22 5.96
N VAL A 232 20.61 16.37 6.01
CA VAL A 232 20.94 17.50 5.16
C VAL A 232 21.91 18.40 5.91
N SER A 233 23.07 18.66 5.31
CA SER A 233 24.14 19.43 5.94
C SER A 233 24.29 20.74 5.14
N PHE A 234 23.61 21.79 5.61
CA PHE A 234 23.61 23.06 4.89
C PHE A 234 24.99 23.69 4.83
N ASP A 235 25.91 23.29 5.71
CA ASP A 235 27.20 23.94 5.79
C ASP A 235 27.99 23.70 4.50
N PRO A 236 28.82 24.67 4.08
CA PRO A 236 29.58 24.49 2.84
C PRO A 236 30.50 23.29 2.85
N LYS A 237 31.09 22.96 4.00
CA LYS A 237 32.03 21.85 4.12
C LYS A 237 31.58 20.94 5.26
N PRO A 238 30.59 20.07 5.02
CA PRO A 238 30.23 19.09 6.05
C PRO A 238 31.38 18.18 6.44
N HIS A 249 24.19 32.84 -3.81
CA HIS A 249 24.15 33.98 -4.71
C HIS A 249 23.00 34.92 -4.34
N THR A 250 23.20 36.21 -4.59
CA THR A 250 22.22 37.23 -4.27
C THR A 250 21.60 37.75 -5.56
N ASN A 251 20.27 37.77 -5.61
CA ASN A 251 19.53 38.23 -6.77
C ASN A 251 18.72 39.48 -6.42
N TYR A 252 18.37 40.24 -7.45
CA TYR A 252 17.62 41.48 -7.28
C TYR A 252 16.85 41.74 -8.57
N SER A 253 15.52 41.71 -8.48
CA SER A 253 14.64 41.98 -9.62
C SER A 253 13.51 42.87 -9.12
N THR A 254 13.73 44.18 -9.16
CA THR A 254 12.77 45.14 -8.66
C THR A 254 11.80 45.53 -9.78
N LYS A 255 10.91 46.48 -9.50
CA LYS A 255 9.94 46.91 -10.49
C LYS A 255 10.22 48.35 -10.84
N SER A 256 11.10 48.98 -10.08
CA SER A 256 11.51 50.35 -10.40
C SER A 256 12.69 50.25 -11.33
N MET A 257 12.94 49.07 -11.91
CA MET A 257 14.05 48.85 -12.84
C MET A 257 15.41 49.38 -12.40
N ARG A 258 15.95 48.84 -11.31
CA ARG A 258 17.26 49.26 -10.82
C ARG A 258 18.23 48.13 -11.05
N SER A 259 17.82 46.91 -10.75
CA SER A 259 18.67 45.75 -11.02
C SER A 259 17.79 44.58 -11.43
N SER A 336 23.82 30.58 -1.36
CA SER A 336 24.01 31.15 -0.03
C SER A 336 22.82 30.94 0.88
N ASN A 337 22.93 30.00 1.79
CA ASN A 337 21.86 29.78 2.76
C ASN A 337 22.30 30.41 4.09
N MET A 338 22.27 29.66 5.20
CA MET A 338 22.75 30.15 6.50
C MET A 338 22.17 31.46 6.99
N ASP A 339 22.79 32.59 6.68
CA ASP A 339 22.31 33.91 7.03
C ASP A 339 21.61 34.43 5.80
N PRO A 340 20.31 34.72 5.91
CA PRO A 340 19.57 35.26 4.76
C PRO A 340 18.92 36.62 5.01
N TYR A 341 18.42 36.88 6.21
CA TYR A 341 17.77 38.14 6.55
C TYR A 341 18.71 39.31 6.37
N ILE A 342 19.94 39.14 6.83
CA ILE A 342 20.93 40.20 6.69
C ILE A 342 21.12 40.44 5.22
N VAL A 343 21.39 39.39 4.46
CA VAL A 343 21.64 39.52 3.03
C VAL A 343 20.52 40.22 2.26
N THR A 344 19.30 39.71 2.39
CA THR A 344 18.17 40.28 1.66
C THR A 344 17.95 41.73 2.00
N SER A 345 18.38 42.15 3.19
CA SER A 345 18.12 43.52 3.60
C SER A 345 19.23 44.50 3.24
N MET A 346 20.49 44.08 3.32
CA MET A 346 21.58 45.01 3.05
C MET A 346 21.56 45.44 1.60
N ILE A 347 21.33 44.50 0.68
CA ILE A 347 21.37 44.82 -0.74
C ILE A 347 20.09 45.54 -1.18
N ALA A 348 19.09 45.65 -0.31
CA ALA A 348 17.88 46.40 -0.63
C ALA A 348 18.12 47.82 -0.23
N ASN A 349 18.85 48.00 0.86
CA ASN A 349 19.15 49.34 1.33
C ASN A 349 19.94 50.05 0.25
N THR A 350 20.90 49.35 -0.33
CA THR A 350 21.71 49.93 -1.38
C THR A 350 20.86 50.44 -2.52
N THR A 351 19.73 49.80 -2.79
CA THR A 351 18.90 50.19 -3.93
C THR A 351 17.44 50.27 -3.55
N ILE A 352 17.12 51.02 -2.51
CA ILE A 352 15.74 51.03 -2.02
C ILE A 352 14.69 51.60 -2.98
N LEU A 353 13.64 50.82 -3.24
CA LEU A 353 12.55 51.25 -4.12
C LEU A 353 12.96 52.17 -5.27
N SER B 2 0.81 -7.90 2.46
CA SER B 2 -0.22 -7.66 3.45
C SER B 2 -0.35 -8.82 4.42
N LEU B 3 0.69 -9.04 5.22
CA LEU B 3 0.67 -10.09 6.25
C LEU B 3 0.02 -9.50 7.48
N LEU B 4 -1.24 -9.89 7.71
CA LEU B 4 -2.04 -9.44 8.86
C LEU B 4 -2.25 -7.93 8.85
N SER B 5 -2.31 -7.33 7.66
CA SER B 5 -2.54 -5.89 7.54
C SER B 5 -3.69 -5.55 6.60
N ASP B 6 -3.91 -6.34 5.55
CA ASP B 6 -5.10 -6.15 4.73
C ASP B 6 -6.37 -6.39 5.54
N LEU B 7 -6.30 -7.26 6.54
CA LEU B 7 -7.37 -7.42 7.50
C LEU B 7 -7.28 -6.31 8.55
N CYS B 8 -7.99 -6.48 9.66
CA CYS B 8 -8.05 -5.49 10.73
C CYS B 8 -8.69 -4.20 10.25
N ASN B 9 -9.08 -4.14 8.98
CA ASN B 9 -9.64 -2.94 8.37
C ASN B 9 -10.62 -3.39 7.29
N LEU B 10 -11.89 -3.47 7.67
CA LEU B 10 -12.93 -3.87 6.75
C LEU B 10 -14.13 -2.97 6.95
N ASN B 11 -14.95 -2.85 5.92
CA ASN B 11 -16.15 -2.04 6.03
C ASN B 11 -17.13 -2.68 7.00
N LEU B 12 -17.99 -1.85 7.59
CA LEU B 12 -18.93 -2.29 8.61
C LEU B 12 -20.32 -2.50 8.04
N SER B 13 -20.90 -1.45 7.46
CA SER B 13 -22.30 -1.48 7.02
C SER B 13 -22.53 -2.31 5.77
N GLU B 14 -21.47 -2.80 5.13
CA GLU B 14 -21.64 -3.64 3.94
C GLU B 14 -22.36 -4.94 4.28
N SER B 15 -21.89 -5.64 5.32
CA SER B 15 -22.41 -6.95 5.68
C SER B 15 -23.41 -6.90 6.83
N THR B 16 -22.99 -6.37 7.97
CA THR B 16 -23.81 -6.37 9.18
C THR B 16 -24.01 -4.95 9.68
N GLU B 17 -24.88 -4.81 10.69
CA GLU B 17 -25.07 -3.56 11.40
C GLU B 17 -24.52 -3.62 12.82
N LYS B 18 -23.82 -4.71 13.17
CA LYS B 18 -23.22 -4.81 14.49
C LYS B 18 -22.03 -3.88 14.61
N ILE B 19 -21.87 -3.30 15.80
CA ILE B 19 -20.74 -2.43 16.10
C ILE B 19 -20.08 -2.94 17.38
N ILE B 20 -18.76 -3.07 17.37
CA ILE B 20 -18.06 -3.42 18.60
C ILE B 20 -18.19 -2.26 19.58
N ALA B 21 -17.89 -2.54 20.85
CA ALA B 21 -17.77 -1.49 21.86
C ALA B 21 -16.86 -2.05 22.97
N GLU B 22 -15.59 -1.67 22.94
CA GLU B 22 -14.63 -2.20 23.91
C GLU B 22 -14.84 -1.57 25.27
N TYR B 23 -14.81 -2.39 26.32
CA TYR B 23 -15.01 -1.92 27.68
C TYR B 23 -13.66 -1.77 28.38
N ILE B 24 -13.42 -0.58 28.94
CA ILE B 24 -12.14 -0.19 29.52
C ILE B 24 -12.34 0.14 30.99
N TRP B 25 -11.36 -0.27 31.82
CA TRP B 25 -11.42 0.00 33.25
C TRP B 25 -10.01 0.03 33.82
N ILE B 26 -9.90 0.69 34.97
CA ILE B 26 -8.62 0.83 35.66
C ILE B 26 -8.36 -0.42 36.48
N GLY B 27 -7.18 -1.01 36.33
CA GLY B 27 -6.85 -2.23 37.03
C GLY B 27 -5.44 -2.19 37.59
N GLY B 28 -5.10 -3.24 38.33
CA GLY B 28 -3.78 -3.35 38.90
C GLY B 28 -3.54 -2.33 40.00
N SER B 29 -2.28 -1.90 40.12
CA SER B 29 -1.91 -0.91 41.12
C SER B 29 -2.54 0.45 40.84
N GLY B 30 -2.96 0.71 39.61
CA GLY B 30 -3.62 1.96 39.28
C GLY B 30 -3.18 2.53 37.94
N MET B 31 -1.96 2.19 37.52
CA MET B 31 -1.41 2.68 36.27
C MET B 31 -1.74 1.76 35.10
N ASP B 32 -2.29 0.58 35.36
CA ASP B 32 -2.64 -0.38 34.32
C ASP B 32 -4.09 -0.18 33.92
N LEU B 33 -4.32 0.31 32.71
CA LEU B 33 -5.65 0.52 32.16
C LEU B 33 -5.94 -0.60 31.18
N ARG B 34 -6.91 -1.46 31.50
CA ARG B 34 -7.16 -2.66 30.71
C ARG B 34 -8.54 -2.59 30.08
N SER B 35 -8.82 -3.56 29.20
CA SER B 35 -10.05 -3.55 28.43
C SER B 35 -10.28 -4.93 27.82
N LYS B 36 -11.51 -5.14 27.35
CA LYS B 36 -11.84 -6.33 26.57
C LYS B 36 -13.09 -6.01 25.75
N ALA B 37 -13.33 -6.84 24.72
CA ALA B 37 -14.29 -6.45 23.69
C ALA B 37 -15.62 -7.20 23.81
N ARG B 38 -16.66 -6.58 23.25
CA ARG B 38 -18.00 -7.15 23.12
C ARG B 38 -18.80 -6.28 22.16
N THR B 39 -19.74 -6.90 21.44
CA THR B 39 -20.45 -6.17 20.40
C THR B 39 -21.65 -5.40 20.97
N LEU B 40 -22.45 -4.89 20.05
CA LEU B 40 -23.76 -4.32 20.34
C LEU B 40 -24.64 -4.54 19.12
N ASN B 41 -25.78 -3.86 19.08
CA ASN B 41 -26.76 -4.05 18.02
C ASN B 41 -26.96 -2.82 17.15
N ALA B 42 -27.26 -1.66 17.75
CA ALA B 42 -27.49 -0.45 16.99
C ALA B 42 -26.58 0.66 17.49
N PRO B 43 -26.02 1.46 16.58
CA PRO B 43 -25.07 2.51 16.99
C PRO B 43 -25.74 3.69 17.68
N VAL B 44 -25.52 3.83 18.99
CA VAL B 44 -26.02 4.94 19.78
C VAL B 44 -24.89 5.44 20.67
N SER B 45 -24.69 6.76 20.70
CA SER B 45 -23.60 7.35 21.47
C SER B 45 -24.03 7.83 22.86
N ASP B 46 -25.32 7.80 23.17
CA ASP B 46 -25.79 8.28 24.47
C ASP B 46 -25.42 7.28 25.56
N PRO B 47 -24.87 7.73 26.69
CA PRO B 47 -24.42 6.79 27.72
C PRO B 47 -25.52 6.20 28.58
N SER B 48 -26.77 6.63 28.39
CA SER B 48 -27.88 6.13 29.19
C SER B 48 -28.62 4.97 28.53
N LYS B 49 -28.15 4.52 27.36
CA LYS B 49 -28.78 3.40 26.66
C LYS B 49 -27.89 2.17 26.54
N LEU B 50 -26.58 2.33 26.71
CA LEU B 50 -25.69 1.19 26.61
C LEU B 50 -25.89 0.26 27.80
N PRO B 51 -26.12 -1.03 27.59
CA PRO B 51 -26.34 -1.94 28.72
C PRO B 51 -25.09 -2.10 29.59
N GLN B 52 -25.33 -2.34 30.86
CA GLN B 52 -24.26 -2.57 31.83
C GLN B 52 -23.53 -3.87 31.49
N TRP B 53 -22.48 -4.17 32.26
CA TRP B 53 -21.72 -5.39 32.03
C TRP B 53 -20.96 -5.69 33.31
N ASN B 54 -20.07 -6.69 33.27
CA ASN B 54 -19.27 -7.02 34.44
C ASN B 54 -18.08 -7.86 34.01
N TYR B 55 -17.18 -8.11 34.96
CA TYR B 55 -16.11 -9.07 34.73
C TYR B 55 -15.81 -9.79 36.05
N ASP B 56 -14.81 -10.67 35.99
CA ASP B 56 -14.33 -11.40 37.15
C ASP B 56 -13.01 -10.80 37.60
N GLY B 57 -12.94 -10.41 38.87
CA GLY B 57 -11.76 -9.76 39.40
C GLY B 57 -10.70 -10.70 39.92
N SER B 58 -11.05 -11.97 40.09
CA SER B 58 -10.09 -12.95 40.56
C SER B 58 -8.97 -13.16 39.55
N SER B 59 -9.31 -13.19 38.27
CA SER B 59 -8.32 -13.38 37.21
C SER B 59 -7.62 -12.07 36.88
N SER B 68 -15.40 -11.61 43.49
CA SER B 68 -14.63 -10.65 42.71
C SER B 68 -15.39 -10.22 41.46
N GLU B 69 -16.70 -10.42 41.47
CA GLU B 69 -17.57 -10.10 40.34
C GLU B 69 -17.78 -8.59 40.33
N VAL B 70 -17.05 -7.91 39.44
CA VAL B 70 -16.99 -6.46 39.41
C VAL B 70 -17.92 -5.94 38.31
N ILE B 71 -18.86 -5.07 38.67
CA ILE B 71 -19.84 -4.54 37.72
C ILE B 71 -19.28 -3.28 37.08
N LEU B 72 -19.68 -3.04 35.82
CA LEU B 72 -19.23 -1.92 35.02
C LEU B 72 -20.43 -1.24 34.35
N TYR B 73 -20.43 0.08 34.38
CA TYR B 73 -21.50 0.90 33.83
C TYR B 73 -20.93 1.86 32.80
N PRO B 74 -21.62 2.09 31.67
CA PRO B 74 -21.04 2.94 30.62
C PRO B 74 -21.15 4.41 30.99
N GLN B 75 -20.01 5.10 30.95
CA GLN B 75 -19.93 6.52 31.24
C GLN B 75 -19.56 7.35 30.02
N ALA B 76 -18.45 7.04 29.36
CA ALA B 76 -17.96 7.79 28.22
C ALA B 76 -17.98 6.91 26.98
N ILE B 77 -18.65 7.39 25.93
CA ILE B 77 -18.80 6.69 24.66
C ILE B 77 -18.21 7.57 23.58
N TYR B 78 -17.01 7.21 23.11
CA TYR B 78 -16.37 7.97 22.04
C TYR B 78 -15.86 7.02 20.96
N LYS B 79 -15.15 7.53 19.95
CA LYS B 79 -14.77 6.70 18.83
C LYS B 79 -13.48 5.94 19.12
N ASP B 80 -12.93 5.29 18.08
CA ASP B 80 -11.90 4.29 18.22
C ASP B 80 -10.78 4.60 17.24
N PRO B 81 -9.52 4.54 17.68
CA PRO B 81 -8.40 4.74 16.75
C PRO B 81 -8.26 3.63 15.74
N PHE B 82 -8.20 2.40 16.22
CA PHE B 82 -7.81 1.24 15.43
C PHE B 82 -8.98 0.56 14.74
N ARG B 83 -10.19 1.09 14.90
CA ARG B 83 -11.35 0.68 14.14
C ARG B 83 -12.15 1.93 13.85
N ARG B 84 -12.60 2.07 12.62
CA ARG B 84 -13.28 3.29 12.21
C ARG B 84 -14.73 3.00 11.89
N GLY B 85 -15.43 4.00 11.36
CA GLY B 85 -16.82 3.83 11.01
C GLY B 85 -17.74 4.15 12.17
N ASN B 86 -18.18 3.12 12.89
CA ASN B 86 -19.07 3.29 14.03
C ASN B 86 -18.58 2.59 15.29
N ASN B 87 -17.44 1.93 15.25
CA ASN B 87 -16.91 1.28 16.45
C ASN B 87 -16.59 2.30 17.52
N ILE B 88 -16.68 1.88 18.78
CA ILE B 88 -16.75 2.79 19.90
C ILE B 88 -15.92 2.26 21.07
N LEU B 89 -15.24 3.18 21.75
CA LEU B 89 -14.64 2.92 23.06
C LEU B 89 -15.53 3.48 24.15
N VAL B 90 -15.59 2.77 25.28
CA VAL B 90 -16.34 3.23 26.44
C VAL B 90 -15.44 3.15 27.66
N MET B 91 -15.56 4.17 28.52
CA MET B 91 -14.78 4.27 29.74
C MET B 91 -15.66 3.85 30.92
N CYS B 92 -15.26 2.78 31.61
CA CYS B 92 -16.03 2.24 32.70
C CYS B 92 -15.16 2.09 33.95
N ASP B 93 -15.79 2.26 35.10
CA ASP B 93 -15.14 2.22 36.39
C ASP B 93 -15.52 0.97 37.18
N ALA B 94 -14.65 0.57 38.09
CA ALA B 94 -14.80 -0.70 38.82
C ALA B 94 -15.67 -0.52 40.06
N TYR B 95 -16.70 -1.34 40.17
CA TYR B 95 -17.57 -1.38 41.35
C TYR B 95 -17.40 -2.73 42.03
N THR B 96 -16.99 -2.72 43.29
CA THR B 96 -16.82 -3.97 44.02
C THR B 96 -18.19 -4.61 44.27
N PRO B 97 -18.25 -5.96 44.32
CA PRO B 97 -19.48 -6.69 44.63
C PRO B 97 -20.16 -6.20 45.90
N GLU B 100 -21.68 -0.36 46.14
CA GLU B 100 -20.58 0.50 46.56
C GLU B 100 -19.39 0.37 45.62
N PRO B 101 -18.71 1.48 45.35
CA PRO B 101 -17.53 1.42 44.48
C PRO B 101 -16.35 0.74 45.18
N ILE B 102 -15.49 0.12 44.36
CA ILE B 102 -14.27 -0.50 44.85
C ILE B 102 -13.33 0.62 45.30
N PRO B 103 -12.49 0.40 46.31
CA PRO B 103 -11.54 1.46 46.70
C PRO B 103 -10.59 1.88 45.58
N THR B 104 -10.21 0.96 44.69
CA THR B 104 -9.30 1.30 43.61
C THR B 104 -9.95 2.20 42.57
N ASN B 105 -11.28 2.32 42.59
CA ASN B 105 -11.97 3.14 41.60
C ASN B 105 -11.56 4.61 41.70
N LYS B 106 -11.66 5.18 42.90
CA LYS B 106 -11.27 6.57 43.17
C LYS B 106 -11.99 7.56 42.25
N ARG B 107 -13.24 7.25 41.90
CA ARG B 107 -14.02 8.11 41.03
C ARG B 107 -15.36 8.54 41.62
N PHE B 108 -15.91 7.78 42.57
CA PHE B 108 -17.18 8.15 43.17
C PHE B 108 -17.09 9.46 43.94
N ASP B 109 -15.99 9.66 44.67
CA ASP B 109 -15.81 10.91 45.39
C ASP B 109 -15.70 12.09 44.43
N ALA B 110 -14.97 11.92 43.32
CA ALA B 110 -14.86 12.98 42.34
C ALA B 110 -16.22 13.29 41.71
N ALA B 111 -17.00 12.24 41.41
CA ALA B 111 -18.31 12.45 40.81
C ALA B 111 -19.25 13.19 41.76
N LYS B 112 -19.25 12.81 43.04
CA LYS B 112 -20.12 13.48 44.00
C LYS B 112 -19.64 14.90 44.29
N ILE B 113 -18.33 15.15 44.21
CA ILE B 113 -17.82 16.51 44.41
C ILE B 113 -18.21 17.40 43.24
N PHE B 114 -18.04 16.90 42.00
CA PHE B 114 -18.31 17.71 40.82
C PHE B 114 -19.78 17.72 40.42
N SER B 115 -20.62 16.92 41.08
CA SER B 115 -22.05 16.92 40.78
C SER B 115 -22.77 18.02 41.56
N GLU B 123 -18.55 25.67 36.49
CA GLU B 123 -17.91 24.95 35.38
C GLU B 123 -16.40 24.96 35.54
N PRO B 124 -15.86 24.00 36.29
CA PRO B 124 -14.41 23.94 36.49
C PRO B 124 -13.66 23.29 35.34
N TRP B 125 -13.31 24.06 34.31
CA TRP B 125 -12.47 23.55 33.24
C TRP B 125 -11.07 23.30 33.77
N TYR B 126 -10.49 22.16 33.39
CA TYR B 126 -9.17 21.75 33.87
C TYR B 126 -8.30 21.35 32.70
N GLY B 127 -7.19 22.07 32.52
CA GLY B 127 -6.19 21.68 31.54
C GLY B 127 -5.05 20.90 32.15
N ILE B 128 -5.31 19.69 32.65
CA ILE B 128 -4.26 18.92 33.31
C ILE B 128 -3.12 18.67 32.34
N GLU B 129 -1.90 18.69 32.86
CA GLU B 129 -0.68 18.63 32.07
C GLU B 129 -0.03 17.28 32.33
N GLN B 130 0.23 16.52 31.28
CA GLN B 130 0.80 15.19 31.44
C GLN B 130 2.02 14.99 30.56
N GLU B 131 2.95 14.20 31.07
CA GLU B 131 4.21 13.89 30.42
C GLU B 131 4.32 12.38 30.18
N TYR B 132 4.95 12.00 29.07
CA TYR B 132 5.19 10.60 28.78
C TYR B 132 6.52 10.41 28.06
N THR B 133 7.20 9.31 28.37
CA THR B 133 8.51 9.01 27.83
C THR B 133 8.46 7.73 26.99
N LEU B 134 9.19 7.76 25.87
CA LEU B 134 9.25 6.64 24.93
C LEU B 134 10.50 5.81 25.22
N LEU B 135 10.33 4.48 25.22
CA LEU B 135 11.44 3.57 25.40
C LEU B 135 11.39 2.51 24.31
N GLN B 136 12.56 2.00 23.93
CA GLN B 136 12.63 0.91 22.95
C GLN B 136 12.34 -0.40 23.67
N LYS B 137 11.17 -0.98 23.38
CA LYS B 137 10.69 -2.10 24.18
C LYS B 137 11.59 -3.32 24.10
N GLU B 138 12.38 -3.46 23.03
CA GLU B 138 13.34 -4.56 22.98
C GLU B 138 14.48 -4.38 23.97
N VAL B 139 14.79 -3.14 24.33
CA VAL B 139 15.84 -2.86 25.31
C VAL B 139 15.34 -2.10 26.53
N LYS B 140 14.13 -1.54 26.49
CA LYS B 140 13.56 -0.76 27.61
C LYS B 140 14.44 0.45 27.94
N TRP B 141 15.01 1.08 26.92
CA TRP B 141 15.74 2.32 27.04
C TRP B 141 15.30 3.27 25.95
N PRO B 142 15.50 4.58 26.12
CA PRO B 142 15.12 5.52 25.06
C PRO B 142 15.93 5.29 23.79
N ILE B 143 15.32 5.60 22.65
CA ILE B 143 15.99 5.41 21.37
C ILE B 143 17.19 6.33 21.29
N GLY B 144 18.33 5.76 20.90
CA GLY B 144 19.56 6.53 20.80
C GLY B 144 20.16 6.86 22.15
N PRO B 156 19.51 22.66 23.83
CA PRO B 156 19.27 22.59 22.39
C PRO B 156 18.26 21.53 22.01
N TYR B 157 18.01 20.59 22.93
CA TYR B 157 17.05 19.52 22.68
C TYR B 157 15.61 19.98 22.76
N TYR B 158 15.35 21.21 23.21
CA TYR B 158 13.98 21.67 23.38
C TYR B 158 13.31 21.75 22.01
N CYS B 159 12.39 20.81 21.75
CA CYS B 159 11.65 20.75 20.50
C CYS B 159 12.59 20.67 19.30
N GLY B 160 13.68 19.91 19.46
CA GLY B 160 14.66 19.79 18.41
C GLY B 160 14.15 18.98 17.24
N ILE B 161 14.85 19.12 16.11
CA ILE B 161 14.49 18.45 14.87
C ILE B 161 15.74 17.86 14.24
N GLY B 162 15.53 16.87 13.38
CA GLY B 162 16.62 16.24 12.68
C GLY B 162 17.13 14.98 13.36
N ALA B 163 18.42 14.68 13.15
CA ALA B 163 19.00 13.48 13.74
C ALA B 163 19.12 13.62 15.25
N ASP B 164 18.90 12.51 15.95
CA ASP B 164 19.05 12.41 17.40
C ASP B 164 18.11 13.35 18.16
N LYS B 165 17.01 13.76 17.54
CA LYS B 165 16.06 14.66 18.18
C LYS B 165 14.67 14.05 18.33
N ALA B 166 14.10 13.53 17.25
CA ALA B 166 12.72 13.05 17.23
C ALA B 166 12.75 11.52 17.11
N PHE B 167 12.74 10.85 18.26
CA PHE B 167 12.79 9.38 18.31
C PHE B 167 11.36 8.85 18.30
N GLY B 168 10.77 8.80 17.10
CA GLY B 168 9.41 8.35 16.96
C GLY B 168 8.42 9.50 16.92
N ARG B 169 8.73 10.50 16.09
CA ARG B 169 7.85 11.65 15.93
C ARG B 169 6.60 11.26 15.12
N ASP B 170 6.70 10.18 14.34
CA ASP B 170 5.54 9.60 13.69
C ASP B 170 4.57 9.03 14.71
N ILE B 171 5.09 8.41 15.77
CA ILE B 171 4.21 7.95 16.86
C ILE B 171 3.43 9.12 17.43
N VAL B 172 4.10 10.26 17.60
CA VAL B 172 3.46 11.44 18.15
C VAL B 172 2.39 11.97 17.20
N ASP B 173 2.69 11.99 15.89
CA ASP B 173 1.66 12.36 14.92
C ASP B 173 0.46 11.45 15.01
N ALA B 174 0.71 10.15 15.11
CA ALA B 174 -0.37 9.18 15.21
C ALA B 174 -1.22 9.44 16.44
N HIS B 175 -0.58 9.63 17.59
CA HIS B 175 -1.33 9.82 18.81
C HIS B 175 -2.13 11.12 18.78
N TYR B 176 -1.51 12.20 18.29
CA TYR B 176 -2.21 13.47 18.22
C TYR B 176 -3.44 13.38 17.31
N LYS B 177 -3.30 12.76 16.14
CA LYS B 177 -4.43 12.72 15.22
C LYS B 177 -5.50 11.72 15.68
N ALA B 178 -5.08 10.62 16.31
CA ALA B 178 -6.06 9.70 16.88
C ALA B 178 -6.85 10.36 17.98
N CYS B 179 -6.19 11.16 18.83
CA CYS B 179 -6.89 11.87 19.89
C CYS B 179 -7.85 12.90 19.32
N LEU B 180 -7.46 13.60 18.25
CA LEU B 180 -8.42 14.50 17.60
C LEU B 180 -9.61 13.72 17.05
N TYR B 181 -9.36 12.57 16.45
CA TYR B 181 -10.44 11.81 15.81
C TYR B 181 -11.41 11.26 16.83
N ALA B 182 -10.92 10.73 17.95
CA ALA B 182 -11.78 10.05 18.91
C ALA B 182 -12.80 11.01 19.52
N GLY B 183 -12.32 12.12 20.07
CA GLY B 183 -13.21 13.02 20.79
C GLY B 183 -12.51 13.63 21.99
N ILE B 184 -11.33 13.10 22.32
CA ILE B 184 -10.49 13.71 23.33
C ILE B 184 -10.26 15.17 22.97
N ASN B 185 -10.42 16.06 23.94
CA ASN B 185 -10.01 17.45 23.77
C ASN B 185 -8.54 17.54 24.16
N ILE B 186 -7.68 17.42 23.16
CA ILE B 186 -6.24 17.58 23.32
C ILE B 186 -5.87 18.93 22.71
N SER B 187 -4.87 19.58 23.31
CA SER B 187 -4.57 20.98 22.97
C SER B 187 -3.07 21.19 22.82
N GLY B 188 -2.39 20.31 22.10
CA GLY B 188 -1.01 20.58 21.78
C GLY B 188 -0.06 19.57 22.43
N ILE B 189 1.14 19.49 21.85
CA ILE B 189 2.17 18.56 22.30
C ILE B 189 3.52 19.19 21.96
N ASN B 190 4.52 18.85 22.77
CA ASN B 190 5.84 19.44 22.57
C ASN B 190 6.89 18.64 23.31
N GLY B 191 8.09 18.58 22.75
CA GLY B 191 9.20 17.88 23.37
C GLY B 191 9.96 18.74 24.36
N GLU B 192 10.90 18.11 25.03
CA GLU B 192 11.78 18.78 25.99
C GLU B 192 13.21 18.26 25.79
N VAL B 193 14.08 18.57 26.75
CA VAL B 193 15.50 18.25 26.66
C VAL B 193 15.75 16.75 26.83
N MET B 194 15.03 16.09 27.73
CA MET B 194 15.28 14.68 28.02
C MET B 194 14.98 13.84 26.79
N PRO B 195 15.88 12.92 26.40
CA PRO B 195 15.71 12.21 25.13
C PRO B 195 14.41 11.43 25.07
N GLY B 196 13.81 11.44 23.87
CA GLY B 196 12.62 10.64 23.61
C GLY B 196 11.32 11.22 24.11
N GLN B 197 11.33 11.76 25.33
CA GLN B 197 10.09 12.08 26.02
C GLN B 197 9.44 13.35 25.48
N TRP B 198 8.16 13.50 25.78
CA TRP B 198 7.30 14.54 25.24
C TRP B 198 6.35 14.99 26.35
N GLU B 199 5.29 15.70 25.97
CA GLU B 199 4.15 15.97 26.83
C GLU B 199 3.05 16.62 26.00
N PHE B 200 1.80 16.34 26.35
CA PHE B 200 0.66 16.88 25.61
C PHE B 200 -0.35 17.49 26.57
N GLN B 201 -1.23 18.32 26.01
CA GLN B 201 -2.12 19.19 26.77
C GLN B 201 -3.57 18.89 26.43
N VAL B 202 -4.44 19.04 27.42
CA VAL B 202 -5.86 18.75 27.24
C VAL B 202 -6.71 20.02 27.21
N GLY B 203 -6.24 21.09 27.86
CA GLY B 203 -6.91 22.36 27.79
C GLY B 203 -8.31 22.36 28.37
N PRO B 204 -9.28 22.81 27.57
CA PRO B 204 -10.65 23.09 28.09
C PRO B 204 -11.53 21.86 28.20
N SER B 205 -11.37 21.14 29.30
CA SER B 205 -12.17 19.97 29.61
C SER B 205 -12.88 20.17 30.93
N VAL B 206 -14.15 19.77 30.98
CA VAL B 206 -14.92 19.89 32.22
C VAL B 206 -14.23 19.05 33.30
N GLY B 207 -14.31 19.52 34.54
CA GLY B 207 -13.63 18.89 35.66
C GLY B 207 -13.73 17.38 35.70
N ILE B 208 -14.96 16.87 35.85
CA ILE B 208 -15.15 15.42 35.85
C ILE B 208 -14.73 14.82 34.52
N SER B 209 -15.03 15.52 33.41
CA SER B 209 -14.57 15.06 32.11
C SER B 209 -13.05 14.96 32.06
N SER B 210 -12.35 15.83 32.80
CA SER B 210 -10.90 15.78 32.80
C SER B 210 -10.35 14.55 33.49
N GLY B 211 -11.20 13.78 34.18
CA GLY B 211 -10.77 12.51 34.74
C GLY B 211 -11.00 11.38 33.76
N ASP B 212 -11.84 11.62 32.76
CA ASP B 212 -12.07 10.68 31.67
C ASP B 212 -11.16 10.96 30.48
N GLN B 213 -11.20 12.18 29.95
CA GLN B 213 -10.48 12.53 28.75
C GLN B 213 -8.97 12.47 28.91
N LEU B 214 -8.47 12.38 30.14
CA LEU B 214 -7.06 12.03 30.32
C LEU B 214 -6.87 10.52 30.21
N TRP B 215 -7.62 9.75 30.99
CA TRP B 215 -7.37 8.32 31.07
C TRP B 215 -7.50 7.65 29.70
N MET B 216 -8.57 7.96 28.97
CA MET B 216 -8.71 7.43 27.62
C MET B 216 -7.55 7.86 26.75
N ALA B 217 -7.14 9.13 26.84
CA ALA B 217 -5.99 9.59 26.08
C ALA B 217 -4.68 9.03 26.63
N ARG B 218 -4.68 8.54 27.86
CA ARG B 218 -3.54 7.78 28.36
C ARG B 218 -3.59 6.34 27.88
N TYR B 219 -4.75 5.90 27.41
CA TYR B 219 -4.97 4.55 26.89
C TYR B 219 -4.63 4.44 25.41
N ILE B 220 -5.12 5.38 24.60
CA ILE B 220 -4.90 5.32 23.16
C ILE B 220 -3.42 5.24 22.85
N LEU B 221 -2.64 6.15 23.43
CA LEU B 221 -1.20 6.12 23.24
C LEU B 221 -0.61 4.78 23.68
N GLU B 222 -1.10 4.24 24.80
CA GLU B 222 -0.56 3.00 25.33
C GLU B 222 -0.72 1.86 24.34
N ARG B 223 -1.66 1.98 23.40
CA ARG B 223 -1.82 0.98 22.36
C ARG B 223 -0.95 1.27 21.15
N ILE B 224 -0.78 2.56 20.80
CA ILE B 224 -0.12 2.92 19.54
C ILE B 224 1.33 2.48 19.53
N THR B 225 2.06 2.75 20.61
CA THR B 225 3.44 2.28 20.67
C THR B 225 3.51 0.76 20.69
N GLU B 226 2.44 0.10 21.14
CA GLU B 226 2.39 -1.36 21.07
C GLU B 226 2.51 -1.87 19.65
N ILE B 227 2.18 -1.04 18.66
CA ILE B 227 2.40 -1.43 17.26
C ILE B 227 3.89 -1.63 17.00
N ALA B 228 4.72 -0.70 17.47
CA ALA B 228 6.15 -0.76 17.25
C ALA B 228 6.84 -1.45 18.42
N GLY B 229 8.17 -1.42 18.41
CA GLY B 229 8.94 -1.92 19.53
C GLY B 229 9.17 -0.84 20.57
N VAL B 230 8.12 -0.07 20.87
CA VAL B 230 8.20 1.11 21.70
C VAL B 230 7.16 1.00 22.81
N VAL B 231 7.53 1.46 24.00
CA VAL B 231 6.63 1.49 25.15
C VAL B 231 6.62 2.88 25.75
N VAL B 232 5.43 3.37 26.06
CA VAL B 232 5.25 4.64 26.77
C VAL B 232 5.24 4.34 28.26
N SER B 233 6.05 5.08 29.01
CA SER B 233 6.14 4.92 30.45
C SER B 233 5.77 6.24 31.11
N PHE B 234 4.54 6.33 31.63
CA PHE B 234 4.04 7.55 32.25
C PHE B 234 4.62 7.70 33.66
N ASP B 235 5.95 7.68 33.73
CA ASP B 235 6.63 7.72 35.01
C ASP B 235 7.75 8.76 34.99
N PRO B 236 8.12 9.29 36.15
CA PRO B 236 9.21 10.30 36.17
C PRO B 236 10.54 9.76 35.67
N LYS B 237 11.02 8.67 36.26
CA LYS B 237 12.33 8.11 35.93
C LYS B 237 12.16 6.65 35.50
N PRO B 238 11.95 6.39 34.21
CA PRO B 238 11.87 5.00 33.75
C PRO B 238 13.13 4.20 34.01
N HIS B 249 1.22 20.06 36.80
CA HIS B 249 0.47 21.29 36.58
C HIS B 249 -1.01 21.00 36.46
N THR B 250 -1.85 21.88 37.01
CA THR B 250 -3.30 21.74 36.97
C THR B 250 -3.91 23.12 36.75
N ASN B 251 -4.33 23.38 35.52
CA ASN B 251 -4.97 24.65 35.19
C ASN B 251 -6.35 24.73 35.82
N TYR B 252 -6.82 25.96 35.99
CA TYR B 252 -8.12 26.21 36.63
C TYR B 252 -8.73 27.45 35.98
N SER B 253 -9.77 27.25 35.16
CA SER B 253 -10.46 28.35 34.48
C SER B 253 -11.96 28.13 34.68
N THR B 254 -12.49 28.62 35.80
CA THR B 254 -13.90 28.43 36.10
C THR B 254 -14.72 29.46 35.37
N LYS B 255 -16.00 29.17 35.18
CA LYS B 255 -16.85 30.09 34.44
C LYS B 255 -16.81 31.40 35.19
N SER B 256 -16.84 31.33 36.52
CA SER B 256 -16.78 32.52 37.35
C SER B 256 -16.49 32.01 38.75
N MET B 257 -17.44 32.17 39.65
CA MET B 257 -17.26 31.69 41.00
C MET B 257 -18.48 30.87 41.40
N ARG B 258 -19.44 31.50 42.08
CA ARG B 258 -20.68 30.81 42.52
C ARG B 258 -20.52 29.42 43.10
N SER B 259 -20.09 29.33 44.35
CA SER B 259 -19.96 28.03 45.01
C SER B 259 -21.30 27.30 45.09
N SER B 336 -3.35 9.91 46.30
CA SER B 336 -2.62 11.11 46.70
C SER B 336 -1.18 11.09 46.20
N ASN B 337 -0.95 10.38 45.09
CA ASN B 337 0.32 10.42 44.40
C ASN B 337 0.12 10.86 42.95
N MET B 338 -0.15 9.90 42.08
CA MET B 338 -0.30 10.22 40.67
C MET B 338 -1.69 9.83 40.17
N ASP B 339 -2.71 10.46 40.71
CA ASP B 339 -4.06 10.19 40.23
C ASP B 339 -4.78 11.42 39.62
N PRO B 340 -4.97 11.52 38.26
CA PRO B 340 -5.72 12.65 37.71
C PRO B 340 -6.92 13.01 38.56
N TYR B 341 -7.73 12.04 38.94
CA TYR B 341 -8.96 12.25 39.70
C TYR B 341 -8.67 12.80 41.09
N ILE B 342 -7.71 12.21 41.79
CA ILE B 342 -7.39 12.65 43.14
C ILE B 342 -6.88 14.09 43.12
N VAL B 343 -5.99 14.41 42.18
CA VAL B 343 -5.41 15.76 42.13
C VAL B 343 -6.47 16.79 41.83
N THR B 344 -7.31 16.52 40.82
CA THR B 344 -8.33 17.50 40.45
C THR B 344 -9.37 17.65 41.55
N SER B 345 -9.73 16.55 42.23
CA SER B 345 -10.69 16.65 43.33
C SER B 345 -10.11 17.45 44.49
N MET B 346 -8.83 17.22 44.81
CA MET B 346 -8.21 17.98 45.90
C MET B 346 -8.11 19.46 45.57
N ILE B 347 -7.74 19.80 44.33
CA ILE B 347 -7.56 21.20 43.98
C ILE B 347 -8.90 21.91 43.69
N ALA B 348 -9.97 21.13 43.53
CA ALA B 348 -11.31 21.70 43.33
C ALA B 348 -11.92 21.86 44.69
N ASN B 349 -11.28 21.29 45.69
CA ASN B 349 -11.76 21.53 47.04
C ASN B 349 -11.10 22.83 47.39
N THR B 350 -11.64 23.58 48.36
CA THR B 350 -11.14 24.92 48.71
C THR B 350 -11.49 25.92 47.64
N THR B 351 -10.92 25.80 46.44
CA THR B 351 -11.30 26.67 45.34
C THR B 351 -12.79 26.47 45.08
N ILE B 352 -13.54 27.56 44.93
CA ILE B 352 -14.99 27.51 44.68
C ILE B 352 -15.62 26.16 44.32
N LEU B 353 -15.44 25.75 43.07
CA LEU B 353 -16.09 24.55 42.56
C LEU B 353 -15.07 23.47 42.25
N SER C 2 6.15 2.41 2.76
CA SER C 2 5.53 3.41 3.62
C SER C 2 6.44 4.63 3.78
N LEU C 3 7.67 4.38 4.25
CA LEU C 3 8.61 5.46 4.46
C LEU C 3 9.07 6.04 3.13
N LEU C 4 9.08 7.37 3.06
CA LEU C 4 9.72 8.13 1.98
C LEU C 4 8.97 8.07 0.66
N SER C 5 7.96 7.20 0.57
CA SER C 5 7.22 7.02 -0.68
C SER C 5 5.79 7.53 -0.60
N ASP C 6 5.30 7.88 0.59
CA ASP C 6 3.98 8.49 0.70
C ASP C 6 3.97 9.85 0.01
N LEU C 7 5.11 10.52 -0.02
CA LEU C 7 5.30 11.71 -0.82
C LEU C 7 5.55 11.30 -2.27
N CYS C 8 6.04 12.22 -3.09
CA CYS C 8 6.36 12.02 -4.49
C CYS C 8 5.12 11.79 -5.34
N ASN C 9 3.93 11.71 -4.73
CA ASN C 9 2.71 11.36 -5.45
C ASN C 9 1.58 12.32 -5.12
N LEU C 10 1.89 13.49 -4.59
CA LEU C 10 0.87 14.43 -4.17
C LEU C 10 0.12 14.98 -5.38
N ASN C 11 -0.97 15.68 -5.13
CA ASN C 11 -1.78 16.26 -6.19
C ASN C 11 -1.36 17.69 -6.48
N LEU C 12 -1.65 18.14 -7.70
CA LEU C 12 -1.31 19.48 -8.14
C LEU C 12 -2.48 20.44 -7.98
N SER C 13 -3.60 20.16 -8.66
CA SER C 13 -4.70 21.10 -8.79
C SER C 13 -5.42 21.36 -7.48
N GLU C 14 -5.15 20.59 -6.42
CA GLU C 14 -5.79 20.85 -5.14
C GLU C 14 -5.34 22.19 -4.56
N SER C 15 -4.03 22.43 -4.52
CA SER C 15 -3.49 23.63 -3.90
C SER C 15 -3.24 24.74 -4.92
N THR C 16 -2.40 24.49 -5.92
CA THR C 16 -2.01 25.49 -6.90
C THR C 16 -2.06 24.89 -8.29
N GLU C 17 -2.45 25.70 -9.26
CA GLU C 17 -2.50 25.28 -10.66
C GLU C 17 -1.16 25.50 -11.37
N LYS C 18 -0.06 25.50 -10.63
CA LYS C 18 1.26 25.55 -11.24
C LYS C 18 1.57 24.23 -11.95
N ILE C 19 2.56 24.30 -12.84
CA ILE C 19 3.03 23.14 -13.60
C ILE C 19 4.54 23.12 -13.45
N ILE C 20 5.14 21.95 -13.71
CA ILE C 20 6.58 21.81 -13.66
C ILE C 20 7.06 21.49 -15.08
N ALA C 21 8.39 21.47 -15.26
CA ALA C 21 8.96 21.07 -16.54
C ALA C 21 10.38 20.58 -16.33
N GLU C 22 10.71 19.45 -16.94
CA GLU C 22 12.00 18.81 -16.85
C GLU C 22 12.77 19.10 -18.15
N TYR C 23 13.74 20.00 -18.10
CA TYR C 23 14.49 20.33 -19.30
C TYR C 23 15.63 19.33 -19.51
N ILE C 24 15.66 18.71 -20.68
CA ILE C 24 16.52 17.56 -20.98
C ILE C 24 17.42 17.89 -22.16
N TRP C 25 18.73 17.71 -21.98
CA TRP C 25 19.71 17.91 -23.03
C TRP C 25 20.64 16.71 -23.08
N ILE C 26 21.48 16.67 -24.11
CA ILE C 26 22.36 15.53 -24.39
C ILE C 26 23.73 15.82 -23.83
N GLY C 27 24.37 14.79 -23.26
CA GLY C 27 25.67 14.94 -22.64
C GLY C 27 26.78 15.06 -23.65
N GLY C 28 28.01 15.16 -23.12
CA GLY C 28 29.16 15.39 -23.97
C GLY C 28 29.48 14.22 -24.88
N SER C 29 29.45 12.99 -24.36
CA SER C 29 29.84 11.83 -25.14
C SER C 29 28.69 11.28 -25.98
N GLY C 30 27.48 11.80 -25.84
CA GLY C 30 26.34 11.36 -26.60
C GLY C 30 25.59 10.19 -26.01
N MET C 31 26.18 9.48 -25.05
CA MET C 31 25.50 8.38 -24.39
C MET C 31 24.84 8.78 -23.07
N ASP C 32 25.33 9.85 -22.44
CA ASP C 32 24.71 10.36 -21.22
C ASP C 32 23.70 11.43 -21.59
N LEU C 33 22.51 11.33 -21.01
CA LEU C 33 21.43 12.28 -21.25
C LEU C 33 21.05 12.92 -19.92
N ARG C 34 21.19 14.24 -19.83
CA ARG C 34 21.00 14.95 -18.56
C ARG C 34 19.74 15.79 -18.61
N SER C 35 19.31 16.24 -17.42
CA SER C 35 18.11 17.05 -17.30
C SER C 35 18.08 17.71 -15.93
N LYS C 36 17.37 18.81 -15.84
CA LYS C 36 17.13 19.50 -14.57
C LYS C 36 15.74 20.11 -14.58
N ALA C 37 15.15 20.25 -13.40
CA ALA C 37 13.74 20.56 -13.27
C ALA C 37 13.53 22.01 -12.88
N ARG C 38 12.48 22.62 -13.42
CA ARG C 38 12.07 23.95 -13.00
C ARG C 38 10.63 24.19 -13.43
N THR C 39 9.93 25.02 -12.66
CA THR C 39 8.48 25.09 -12.78
C THR C 39 8.05 26.03 -13.91
N LEU C 40 6.77 26.36 -13.90
CA LEU C 40 6.10 27.19 -14.89
C LEU C 40 4.69 27.45 -14.41
N ASN C 41 4.10 28.55 -14.88
CA ASN C 41 2.83 29.01 -14.33
C ASN C 41 1.65 28.23 -14.92
N ALA C 42 1.43 28.34 -16.24
CA ALA C 42 0.21 27.76 -16.79
C ALA C 42 0.52 26.55 -17.66
N PRO C 43 -0.32 25.51 -17.60
CA PRO C 43 -0.07 24.29 -18.38
C PRO C 43 -0.44 24.48 -19.84
N VAL C 44 0.57 24.45 -20.72
CA VAL C 44 0.39 24.53 -22.16
C VAL C 44 1.32 23.51 -22.82
N SER C 45 0.80 22.77 -23.79
CA SER C 45 1.55 21.72 -24.47
C SER C 45 2.24 22.19 -25.75
N ASP C 46 2.04 23.44 -26.15
CA ASP C 46 2.62 23.94 -27.40
C ASP C 46 4.10 24.25 -27.19
N PRO C 47 5.00 23.62 -27.96
CA PRO C 47 6.44 23.89 -27.74
C PRO C 47 6.85 25.31 -28.04
N SER C 48 6.05 26.08 -28.77
CA SER C 48 6.43 27.45 -29.09
C SER C 48 6.23 28.41 -27.91
N LYS C 49 5.25 28.14 -27.05
CA LYS C 49 4.90 29.08 -25.99
C LYS C 49 5.88 29.07 -24.82
N LEU C 50 6.65 28.00 -24.65
CA LEU C 50 7.59 27.96 -23.55
C LEU C 50 8.75 28.94 -23.80
N PRO C 51 9.31 29.51 -22.75
CA PRO C 51 10.41 30.46 -22.91
C PRO C 51 11.76 29.79 -22.95
N GLN C 52 12.67 30.40 -23.71
CA GLN C 52 13.99 29.84 -23.97
C GLN C 52 14.88 29.99 -22.75
N TRP C 53 15.50 28.89 -22.32
CA TRP C 53 16.27 28.82 -21.08
C TRP C 53 17.68 28.32 -21.41
N ASN C 54 18.50 28.07 -20.40
CA ASN C 54 19.90 27.76 -20.69
C ASN C 54 20.52 27.01 -19.51
N TYR C 55 21.82 26.77 -19.60
CA TYR C 55 22.57 26.19 -18.50
C TYR C 55 24.04 26.57 -18.66
N ASP C 56 24.87 26.04 -17.77
CA ASP C 56 26.31 26.24 -17.79
C ASP C 56 26.98 24.97 -18.29
N GLY C 57 27.85 25.11 -19.30
CA GLY C 57 28.51 23.96 -19.89
C GLY C 57 29.82 23.58 -19.23
N SER C 58 30.35 24.46 -18.38
CA SER C 58 31.60 24.15 -17.69
C SER C 58 31.42 23.04 -16.68
N SER C 59 30.25 22.97 -16.04
CA SER C 59 29.98 21.96 -15.03
C SER C 59 29.73 20.59 -15.68
N SER C 68 30.90 29.46 -20.90
CA SER C 68 30.48 28.09 -21.14
C SER C 68 28.96 27.97 -21.18
N GLU C 69 28.28 29.12 -21.26
CA GLU C 69 26.82 29.13 -21.28
C GLU C 69 26.31 28.44 -22.54
N VAL C 70 25.30 27.60 -22.38
CA VAL C 70 24.70 26.85 -23.48
C VAL C 70 23.20 27.03 -23.44
N ILE C 71 22.62 27.48 -24.54
CA ILE C 71 21.18 27.80 -24.59
C ILE C 71 20.40 26.55 -24.96
N LEU C 72 19.13 26.51 -24.54
CA LEU C 72 18.20 25.43 -24.82
C LEU C 72 16.83 26.02 -25.13
N TYR C 73 16.17 25.44 -26.12
CA TYR C 73 14.87 25.87 -26.62
C TYR C 73 13.86 24.74 -26.47
N PRO C 74 12.60 25.05 -26.13
CA PRO C 74 11.59 24.00 -26.01
C PRO C 74 11.25 23.37 -27.35
N GLN C 75 11.67 22.12 -27.57
CA GLN C 75 11.42 21.44 -28.82
C GLN C 75 10.28 20.44 -28.73
N ALA C 76 10.35 19.49 -27.80
CA ALA C 76 9.32 18.45 -27.68
C ALA C 76 8.69 18.49 -26.29
N ILE C 77 7.36 18.56 -26.25
CA ILE C 77 6.61 18.61 -25.00
C ILE C 77 5.72 17.38 -24.92
N TYR C 78 5.99 16.50 -23.97
CA TYR C 78 5.15 15.34 -23.69
C TYR C 78 4.96 15.21 -22.19
N LYS C 79 4.13 14.24 -21.77
CA LYS C 79 3.82 14.13 -20.36
C LYS C 79 4.87 13.30 -19.63
N ASP C 80 4.70 13.19 -18.31
CA ASP C 80 5.72 12.67 -17.42
C ASP C 80 5.18 11.45 -16.69
N PRO C 81 5.87 10.32 -16.70
CA PRO C 81 5.36 9.15 -15.98
C PRO C 81 5.67 9.18 -14.48
N PHE C 82 6.82 9.72 -14.10
CA PHE C 82 7.27 9.68 -12.71
C PHE C 82 6.65 10.75 -11.84
N ARG C 83 5.81 11.63 -12.41
CA ARG C 83 5.19 12.68 -11.63
C ARG C 83 3.70 12.76 -11.94
N ARG C 84 3.32 12.32 -13.13
CA ARG C 84 1.90 12.24 -13.53
C ARG C 84 1.28 13.63 -13.43
N GLY C 85 -0.04 13.69 -13.27
CA GLY C 85 -0.70 14.98 -13.19
C GLY C 85 -0.56 15.75 -14.48
N ASN C 86 -0.13 17.00 -14.36
CA ASN C 86 0.15 17.86 -15.51
C ASN C 86 1.63 18.07 -15.75
N ASN C 87 2.49 17.42 -14.96
CA ASN C 87 3.93 17.56 -15.13
C ASN C 87 4.35 17.12 -16.52
N ILE C 88 5.34 17.81 -17.09
CA ILE C 88 5.67 17.70 -18.50
C ILE C 88 7.17 17.55 -18.65
N LEU C 89 7.58 16.63 -19.53
CA LEU C 89 8.96 16.52 -19.99
C LEU C 89 9.11 17.27 -21.31
N VAL C 90 10.28 17.88 -21.48
CA VAL C 90 10.62 18.57 -22.72
C VAL C 90 12.00 18.09 -23.19
N MET C 91 12.07 17.72 -24.46
CA MET C 91 13.32 17.39 -25.13
C MET C 91 13.80 18.64 -25.84
N CYS C 92 15.04 19.06 -25.54
CA CYS C 92 15.62 20.28 -26.06
C CYS C 92 17.06 20.03 -26.48
N ASP C 93 17.51 20.79 -27.48
CA ASP C 93 18.84 20.67 -28.06
C ASP C 93 19.74 21.81 -27.60
N ALA C 94 21.05 21.56 -27.69
CA ALA C 94 22.06 22.47 -27.17
C ALA C 94 22.57 23.39 -28.26
N TYR C 95 22.54 24.70 -27.98
CA TYR C 95 23.03 25.72 -28.90
C TYR C 95 24.17 26.49 -28.24
N THR C 96 25.23 26.75 -29.01
CA THR C 96 26.25 27.65 -28.52
C THR C 96 25.75 29.10 -28.62
N PRO C 97 26.20 29.99 -27.73
CA PRO C 97 25.74 31.38 -27.78
C PRO C 97 26.26 32.13 -29.01
N GLU C 100 24.14 29.56 -33.39
CA GLU C 100 24.72 28.41 -34.05
C GLU C 100 24.57 27.15 -33.20
N PRO C 101 24.30 26.02 -33.85
CA PRO C 101 24.23 24.76 -33.10
C PRO C 101 25.59 24.36 -32.53
N ILE C 102 25.54 23.72 -31.38
CA ILE C 102 26.75 23.19 -30.73
C ILE C 102 27.16 21.95 -31.52
N PRO C 103 28.47 21.65 -31.63
CA PRO C 103 28.87 20.45 -32.38
C PRO C 103 28.27 19.15 -31.85
N THR C 104 28.10 19.03 -30.53
CA THR C 104 27.57 17.80 -29.96
C THR C 104 26.08 17.65 -30.21
N ASN C 105 25.41 18.70 -30.68
CA ASN C 105 23.96 18.66 -30.86
C ASN C 105 23.56 17.60 -31.86
N LYS C 106 24.15 17.63 -33.05
CA LYS C 106 23.89 16.69 -34.14
C LYS C 106 22.44 16.70 -34.61
N ARG C 107 21.67 17.72 -34.24
CA ARG C 107 20.26 17.79 -34.62
C ARG C 107 19.96 18.86 -35.65
N PHE C 108 20.81 19.89 -35.78
CA PHE C 108 20.56 20.94 -36.76
C PHE C 108 20.62 20.39 -38.19
N ASP C 109 21.57 19.51 -38.46
CA ASP C 109 21.66 18.90 -39.79
C ASP C 109 20.41 18.08 -40.10
N ALA C 110 19.94 17.29 -39.13
CA ALA C 110 18.73 16.50 -39.36
C ALA C 110 17.52 17.39 -39.56
N ALA C 111 17.41 18.46 -38.77
CA ALA C 111 16.28 19.38 -38.92
C ALA C 111 16.27 20.05 -40.28
N LYS C 112 17.44 20.49 -40.75
CA LYS C 112 17.48 21.14 -42.06
C LYS C 112 17.29 20.15 -43.20
N ILE C 113 17.68 18.88 -42.99
CA ILE C 113 17.44 17.86 -44.01
C ILE C 113 15.96 17.54 -44.10
N PHE C 114 15.30 17.36 -42.96
CA PHE C 114 13.89 16.98 -42.95
C PHE C 114 12.96 18.16 -43.15
N SER C 115 13.46 19.39 -43.11
CA SER C 115 12.62 20.57 -43.35
C SER C 115 12.66 20.96 -44.82
N GLU C 123 6.88 13.12 -45.96
CA GLU C 123 6.46 12.60 -44.66
C GLU C 123 6.96 11.17 -44.47
N PRO C 124 8.24 11.04 -44.10
CA PRO C 124 8.81 9.70 -43.93
C PRO C 124 8.50 9.13 -42.55
N TRP C 125 7.96 7.90 -42.54
CA TRP C 125 7.68 7.18 -41.31
C TRP C 125 8.81 6.20 -41.06
N TYR C 126 9.45 6.28 -39.90
CA TYR C 126 10.65 5.53 -39.61
C TYR C 126 10.47 4.68 -38.37
N GLY C 127 11.24 3.60 -38.29
CA GLY C 127 11.29 2.75 -37.11
C GLY C 127 12.70 2.25 -36.86
N ILE C 128 13.19 2.43 -35.65
CA ILE C 128 14.55 2.05 -35.28
C ILE C 128 14.48 1.08 -34.11
N GLU C 129 15.44 0.16 -34.06
CA GLU C 129 15.47 -0.91 -33.07
C GLU C 129 16.53 -0.60 -32.02
N GLN C 130 16.23 -0.90 -30.76
CA GLN C 130 17.16 -0.67 -29.66
C GLN C 130 17.34 -1.95 -28.86
N GLU C 131 18.55 -2.16 -28.36
CA GLU C 131 18.84 -3.29 -27.49
C GLU C 131 19.58 -2.81 -26.26
N TYR C 132 19.41 -3.53 -25.14
CA TYR C 132 20.06 -3.13 -23.91
C TYR C 132 20.23 -4.33 -22.99
N THR C 133 21.34 -4.33 -22.25
CA THR C 133 21.69 -5.42 -21.35
C THR C 133 21.63 -4.94 -19.91
N LEU C 134 20.95 -5.70 -19.06
CA LEU C 134 20.80 -5.38 -17.65
C LEU C 134 21.84 -6.15 -16.85
N LEU C 135 22.56 -5.46 -15.97
CA LEU C 135 23.56 -6.09 -15.12
C LEU C 135 23.40 -5.63 -13.69
N GLN C 136 23.94 -6.42 -12.77
CA GLN C 136 23.91 -6.08 -11.36
C GLN C 136 24.77 -4.84 -11.10
N LYS C 137 24.41 -4.10 -10.05
CA LYS C 137 24.99 -2.78 -9.83
C LYS C 137 26.48 -2.86 -9.53
N GLU C 138 26.90 -3.77 -8.65
CA GLU C 138 28.26 -3.77 -8.15
C GLU C 138 29.11 -4.93 -8.65
N VAL C 139 28.61 -5.76 -9.56
CA VAL C 139 29.40 -6.82 -10.17
C VAL C 139 29.32 -6.83 -11.69
N LYS C 140 28.34 -6.16 -12.28
CA LYS C 140 28.21 -6.04 -13.74
C LYS C 140 27.94 -7.37 -14.42
N TRP C 141 27.05 -8.18 -13.84
CA TRP C 141 26.53 -9.37 -14.50
C TRP C 141 25.01 -9.37 -14.46
N PRO C 142 24.35 -10.02 -15.43
CA PRO C 142 22.88 -10.01 -15.46
C PRO C 142 22.29 -10.66 -14.21
N ILE C 143 21.15 -10.13 -13.78
CA ILE C 143 20.47 -10.66 -12.60
C ILE C 143 19.97 -12.07 -12.87
N GLY C 144 20.16 -12.96 -11.91
CA GLY C 144 19.76 -14.34 -12.04
C GLY C 144 20.63 -15.14 -12.98
N PRO C 156 16.98 -20.88 -26.33
CA PRO C 156 15.84 -21.10 -25.44
C PRO C 156 15.39 -19.81 -24.74
N TYR C 157 16.30 -18.87 -24.59
CA TYR C 157 15.97 -17.59 -23.96
C TYR C 157 15.12 -16.70 -24.84
N TYR C 158 14.91 -17.06 -26.10
CA TYR C 158 14.16 -16.21 -27.03
C TYR C 158 12.72 -16.10 -26.55
N CYS C 159 12.36 -14.94 -26.01
CA CYS C 159 11.04 -14.71 -25.42
C CYS C 159 10.74 -15.78 -24.37
N GLY C 160 11.76 -16.14 -23.59
CA GLY C 160 11.63 -17.24 -22.67
C GLY C 160 10.77 -16.89 -21.46
N ILE C 161 10.18 -17.94 -20.88
CA ILE C 161 9.34 -17.81 -19.69
C ILE C 161 9.71 -18.94 -18.74
N GLY C 162 9.47 -18.72 -17.46
CA GLY C 162 9.78 -19.71 -16.45
C GLY C 162 11.11 -19.48 -15.78
N ALA C 163 11.60 -20.53 -15.13
CA ALA C 163 12.84 -20.45 -14.38
C ALA C 163 14.02 -20.18 -15.31
N ASP C 164 14.89 -19.26 -14.89
CA ASP C 164 16.14 -18.95 -15.59
C ASP C 164 15.90 -18.45 -17.02
N LYS C 165 14.76 -17.81 -17.26
CA LYS C 165 14.45 -17.27 -18.58
C LYS C 165 14.29 -15.76 -18.58
N ALA C 166 13.39 -15.22 -17.76
CA ALA C 166 13.10 -13.80 -17.73
C ALA C 166 13.49 -13.22 -16.39
N PHE C 167 14.27 -12.14 -16.41
CA PHE C 167 14.73 -11.47 -15.20
C PHE C 167 14.36 -10.00 -15.28
N GLY C 168 13.67 -9.50 -14.26
CA GLY C 168 13.26 -8.11 -14.26
C GLY C 168 12.26 -7.76 -15.34
N ARG C 169 11.26 -8.62 -15.54
CA ARG C 169 10.21 -8.33 -16.51
C ARG C 169 9.28 -7.23 -16.00
N ASP C 170 9.31 -6.96 -14.70
CA ASP C 170 8.54 -5.84 -14.15
C ASP C 170 9.09 -4.50 -14.61
N ILE C 171 10.43 -4.38 -14.68
CA ILE C 171 11.03 -3.18 -15.26
C ILE C 171 10.54 -2.99 -16.68
N VAL C 172 10.44 -4.08 -17.45
CA VAL C 172 10.02 -4.02 -18.84
C VAL C 172 8.56 -3.58 -18.92
N ASP C 173 7.70 -4.14 -18.06
CA ASP C 173 6.31 -3.69 -18.03
C ASP C 173 6.22 -2.21 -17.69
N ALA C 174 7.02 -1.78 -16.72
CA ALA C 174 7.02 -0.39 -16.32
C ALA C 174 7.41 0.51 -17.48
N HIS C 175 8.50 0.16 -18.17
CA HIS C 175 8.95 0.99 -19.28
C HIS C 175 7.92 1.02 -20.40
N TYR C 176 7.34 -0.13 -20.74
CA TYR C 176 6.36 -0.17 -21.81
C TYR C 176 5.17 0.72 -21.48
N LYS C 177 4.64 0.60 -20.26
CA LYS C 177 3.43 1.37 -19.94
C LYS C 177 3.76 2.85 -19.76
N ALA C 178 4.91 3.18 -19.19
CA ALA C 178 5.31 4.58 -19.09
C ALA C 178 5.47 5.21 -20.46
N CYS C 179 6.06 4.46 -21.41
CA CYS C 179 6.24 4.98 -22.75
C CYS C 179 4.91 5.18 -23.47
N LEU C 180 3.95 4.26 -23.29
CA LEU C 180 2.62 4.53 -23.82
C LEU C 180 1.99 5.76 -23.17
N TYR C 181 2.17 5.92 -21.86
CA TYR C 181 1.55 7.03 -21.17
C TYR C 181 2.11 8.37 -21.62
N ALA C 182 3.43 8.47 -21.78
CA ALA C 182 4.06 9.76 -22.04
C ALA C 182 3.60 10.34 -23.36
N GLY C 183 3.71 9.57 -24.44
CA GLY C 183 3.44 10.07 -25.76
C GLY C 183 4.32 9.41 -26.80
N ILE C 184 5.40 8.78 -26.33
CA ILE C 184 6.18 7.89 -27.19
C ILE C 184 5.24 6.84 -27.75
N ASN C 185 5.25 6.67 -29.07
CA ASN C 185 4.39 5.66 -29.70
C ASN C 185 5.16 4.37 -29.90
N ILE C 186 5.70 3.85 -28.79
CA ILE C 186 6.40 2.58 -28.83
C ILE C 186 5.40 1.50 -29.25
N SER C 187 5.91 0.47 -29.95
CA SER C 187 5.04 -0.50 -30.59
C SER C 187 5.19 -1.93 -30.07
N GLY C 188 6.37 -2.36 -29.68
CA GLY C 188 6.52 -3.72 -29.20
C GLY C 188 7.89 -3.94 -28.59
N ILE C 189 7.94 -4.93 -27.71
CA ILE C 189 9.18 -5.36 -27.08
C ILE C 189 9.25 -6.88 -27.13
N ASN C 190 10.46 -7.41 -27.03
CA ASN C 190 10.66 -8.84 -27.06
C ASN C 190 12.03 -9.18 -26.48
N GLY C 191 12.15 -10.38 -25.91
CA GLY C 191 13.42 -10.83 -25.38
C GLY C 191 14.11 -11.79 -26.31
N GLU C 192 15.45 -11.80 -26.24
CA GLU C 192 16.26 -12.66 -27.10
C GLU C 192 17.12 -13.62 -26.29
N VAL C 193 18.04 -14.30 -26.97
CA VAL C 193 18.85 -15.33 -26.33
C VAL C 193 19.82 -14.76 -25.31
N MET C 194 20.38 -13.59 -25.58
CA MET C 194 21.41 -13.03 -24.70
C MET C 194 20.84 -12.82 -23.30
N PRO C 195 21.53 -13.27 -22.25
CA PRO C 195 20.99 -13.12 -20.89
C PRO C 195 20.77 -11.65 -20.54
N GLY C 196 19.63 -11.37 -19.93
CA GLY C 196 19.31 -10.00 -19.55
C GLY C 196 19.30 -9.04 -20.72
N GLN C 197 18.76 -9.46 -21.85
CA GLN C 197 18.73 -8.63 -23.05
C GLN C 197 17.30 -8.50 -23.55
N TRP C 198 16.97 -7.32 -24.06
CA TRP C 198 15.63 -7.06 -24.56
C TRP C 198 15.75 -6.21 -25.82
N GLU C 199 14.61 -5.74 -26.33
CA GLU C 199 14.57 -4.94 -27.55
C GLU C 199 13.19 -4.34 -27.73
N PHE C 200 13.09 -3.03 -27.95
CA PHE C 200 11.79 -2.39 -28.13
C PHE C 200 11.75 -1.62 -29.43
N GLN C 201 10.55 -1.48 -29.98
CA GLN C 201 10.32 -0.91 -31.31
C GLN C 201 9.60 0.42 -31.17
N VAL C 202 10.15 1.46 -31.81
CA VAL C 202 9.66 2.82 -31.64
C VAL C 202 8.43 3.13 -32.49
N GLY C 203 8.07 2.26 -33.43
CA GLY C 203 6.84 2.41 -34.16
C GLY C 203 6.88 3.49 -35.22
N PRO C 204 5.83 3.54 -36.05
CA PRO C 204 5.80 4.55 -37.13
C PRO C 204 5.52 5.93 -36.56
N SER C 205 6.32 6.91 -37.01
CA SER C 205 6.20 8.28 -36.55
C SER C 205 6.76 9.21 -37.62
N VAL C 206 6.38 10.48 -37.55
CA VAL C 206 6.58 11.41 -38.65
C VAL C 206 7.95 12.06 -38.53
N GLY C 207 8.78 11.87 -39.55
CA GLY C 207 9.96 12.70 -39.79
C GLY C 207 10.94 12.71 -38.64
N ILE C 208 11.57 13.88 -38.44
CA ILE C 208 12.61 14.04 -37.43
C ILE C 208 12.08 13.73 -36.05
N SER C 209 10.79 14.01 -35.80
CA SER C 209 10.20 13.70 -34.50
C SER C 209 10.49 12.26 -34.11
N SER C 210 10.46 11.36 -35.10
CA SER C 210 10.84 9.97 -34.89
C SER C 210 12.11 9.86 -34.05
N GLY C 211 13.22 10.39 -34.59
CA GLY C 211 14.46 10.35 -33.84
C GLY C 211 14.31 10.99 -32.47
N ASP C 212 13.67 12.16 -32.43
CA ASP C 212 13.44 12.84 -31.15
C ASP C 212 12.76 11.89 -30.16
N GLN C 213 11.70 11.21 -30.62
CA GLN C 213 10.96 10.33 -29.73
C GLN C 213 11.87 9.25 -29.15
N LEU C 214 12.71 8.66 -29.99
CA LEU C 214 13.61 7.61 -29.50
C LEU C 214 14.35 8.10 -28.28
N TRP C 215 14.84 9.33 -28.32
CA TRP C 215 15.66 9.83 -27.23
C TRP C 215 14.91 9.78 -25.91
N MET C 216 13.68 10.30 -25.88
CA MET C 216 12.94 10.24 -24.62
C MET C 216 12.81 8.80 -24.14
N ALA C 217 12.47 7.88 -25.05
CA ALA C 217 12.36 6.49 -24.65
C ALA C 217 13.63 6.03 -23.96
N ARG C 218 14.79 6.26 -24.59
CA ARG C 218 16.04 5.90 -23.96
C ARG C 218 16.11 6.52 -22.58
N TYR C 219 15.88 7.84 -22.51
CA TYR C 219 15.82 8.59 -21.27
C TYR C 219 15.05 7.83 -20.20
N ILE C 220 13.79 7.51 -20.50
CA ILE C 220 12.90 7.01 -19.46
C ILE C 220 13.52 5.77 -18.83
N LEU C 221 14.12 4.92 -19.67
CA LEU C 221 14.66 3.66 -19.18
C LEU C 221 15.58 3.88 -17.99
N GLU C 222 16.54 4.80 -18.11
CA GLU C 222 17.52 4.93 -17.03
C GLU C 222 16.84 5.24 -15.71
N ARG C 223 15.89 6.17 -15.73
CA ARG C 223 15.22 6.53 -14.48
C ARG C 223 14.57 5.30 -13.86
N ILE C 224 13.87 4.53 -14.68
CA ILE C 224 13.22 3.32 -14.17
C ILE C 224 14.27 2.35 -13.65
N THR C 225 15.36 2.18 -14.40
CA THR C 225 16.42 1.30 -13.92
C THR C 225 17.03 1.85 -12.64
N GLU C 226 17.06 3.18 -12.50
CA GLU C 226 17.60 3.78 -11.28
C GLU C 226 16.81 3.35 -10.06
N ILE C 227 15.55 2.95 -10.25
CA ILE C 227 14.75 2.50 -9.11
C ILE C 227 15.29 1.18 -8.57
N ALA C 228 15.75 0.29 -9.46
CA ALA C 228 16.01 -1.10 -9.10
C ALA C 228 17.47 -1.38 -8.72
N GLY C 229 18.35 -0.40 -8.78
CA GLY C 229 19.76 -0.68 -8.51
C GLY C 229 20.39 -1.58 -9.56
N VAL C 230 20.12 -1.32 -10.83
CA VAL C 230 20.61 -2.12 -11.95
C VAL C 230 21.34 -1.17 -12.89
N VAL C 231 22.29 -1.70 -13.65
CA VAL C 231 23.04 -0.93 -14.63
C VAL C 231 22.62 -1.36 -16.03
N VAL C 232 22.22 -0.40 -16.84
CA VAL C 232 21.83 -0.63 -18.23
C VAL C 232 23.02 -0.31 -19.12
N SER C 233 23.41 -1.27 -19.96
CA SER C 233 24.49 -1.07 -20.92
C SER C 233 23.94 -1.29 -22.32
N PHE C 234 23.98 -0.24 -23.14
CA PHE C 234 23.57 -0.33 -24.53
C PHE C 234 24.71 -0.75 -25.45
N ASP C 235 25.95 -0.81 -24.94
CA ASP C 235 27.10 -1.08 -25.78
C ASP C 235 27.05 -2.51 -26.30
N PRO C 236 27.55 -2.73 -27.52
CA PRO C 236 27.46 -4.09 -28.11
C PRO C 236 28.13 -5.16 -27.29
N LYS C 237 29.26 -4.86 -26.64
CA LYS C 237 30.03 -5.85 -25.90
C LYS C 237 30.32 -5.33 -24.50
N PRO C 238 29.36 -5.48 -23.56
CA PRO C 238 29.55 -5.09 -22.17
C PRO C 238 30.67 -5.88 -21.49
N HIS C 249 18.81 -2.15 -37.15
CA HIS C 249 17.77 -2.20 -38.18
C HIS C 249 17.05 -0.87 -38.29
N THR C 250 16.83 -0.42 -39.52
CA THR C 250 16.12 0.83 -39.79
C THR C 250 14.99 0.56 -40.77
N ASN C 251 13.80 1.05 -40.43
CA ASN C 251 12.62 0.87 -41.27
C ASN C 251 12.34 2.15 -42.05
N TYR C 252 11.99 1.99 -43.32
CA TYR C 252 11.71 3.10 -44.21
C TYR C 252 10.33 2.92 -44.82
N SER C 253 9.51 3.97 -44.75
CA SER C 253 8.17 3.93 -45.32
C SER C 253 7.68 5.35 -45.51
N THR C 254 7.29 5.69 -46.75
CA THR C 254 6.88 7.05 -47.07
C THR C 254 5.58 7.04 -47.89
N LYS C 255 5.22 8.19 -48.42
CA LYS C 255 4.04 8.28 -49.27
C LYS C 255 4.57 8.08 -50.66
N SER C 256 5.52 8.94 -51.06
CA SER C 256 6.13 8.85 -52.38
C SER C 256 7.33 9.78 -52.30
N MET C 257 7.06 11.08 -52.31
CA MET C 257 8.12 12.07 -52.18
C MET C 257 7.61 13.14 -51.23
N ARG C 258 8.46 13.64 -50.34
CA ARG C 258 8.06 14.65 -49.36
C ARG C 258 7.23 15.79 -49.96
N SER C 259 6.07 16.03 -49.35
CA SER C 259 5.21 17.15 -49.76
C SER C 259 5.43 18.35 -48.85
N SER C 336 29.36 6.77 -37.10
CA SER C 336 28.81 5.44 -37.20
C SER C 336 28.74 4.76 -35.85
N ASN C 337 28.16 5.44 -34.86
CA ASN C 337 28.06 4.86 -33.53
C ASN C 337 26.68 5.07 -32.94
N MET C 338 25.73 4.20 -33.28
CA MET C 338 24.36 4.29 -32.78
C MET C 338 23.82 5.72 -32.65
N ASP C 339 23.57 6.38 -33.78
CA ASP C 339 23.11 7.75 -33.75
C ASP C 339 21.61 7.93 -34.16
N PRO C 340 20.67 8.20 -33.19
CA PRO C 340 19.29 8.39 -33.64
C PRO C 340 19.12 9.49 -34.68
N TYR C 341 20.15 10.29 -34.95
CA TYR C 341 20.01 11.41 -35.87
C TYR C 341 20.88 11.20 -37.12
N ILE C 342 22.12 10.79 -36.92
CA ILE C 342 23.02 10.58 -38.05
C ILE C 342 22.49 9.47 -38.96
N VAL C 343 22.02 8.38 -38.36
CA VAL C 343 21.55 7.24 -39.14
C VAL C 343 20.32 7.62 -39.95
N THR C 344 19.35 8.28 -39.31
CA THR C 344 18.13 8.64 -40.03
C THR C 344 18.40 9.69 -41.10
N SER C 345 19.30 10.64 -40.82
CA SER C 345 19.65 11.63 -41.83
C SER C 345 20.33 10.99 -43.03
N MET C 346 21.25 10.05 -42.78
CA MET C 346 21.94 9.37 -43.87
C MET C 346 20.96 8.54 -44.70
N ILE C 347 20.04 7.84 -44.04
CA ILE C 347 19.12 6.97 -44.78
C ILE C 347 17.96 7.75 -45.41
N ALA C 348 17.83 9.04 -45.08
CA ALA C 348 16.81 9.88 -45.68
C ALA C 348 17.42 10.69 -46.78
N ASN C 349 18.68 11.06 -46.62
CA ASN C 349 19.35 11.87 -47.64
C ASN C 349 19.25 11.20 -48.98
N THR C 350 19.40 9.89 -48.99
CA THR C 350 19.39 9.16 -50.25
C THR C 350 18.06 8.97 -50.93
N THR C 351 16.95 9.20 -50.23
CA THR C 351 15.64 8.94 -50.85
C THR C 351 14.47 9.90 -50.54
N ILE C 352 14.42 10.47 -49.34
CA ILE C 352 13.29 11.34 -48.96
C ILE C 352 13.68 12.73 -48.47
N LEU C 353 14.95 12.92 -48.13
CA LEU C 353 15.42 14.20 -47.58
C LEU C 353 14.52 14.63 -46.43
N SER D 2 8.02 0.75 -1.95
CA SER D 2 7.23 1.00 -3.15
C SER D 2 8.11 0.99 -4.38
N LEU D 3 9.33 0.47 -4.23
CA LEU D 3 10.28 0.49 -5.33
C LEU D 3 9.86 -0.46 -6.43
N LEU D 4 9.90 0.03 -7.67
CA LEU D 4 9.75 -0.77 -8.88
C LEU D 4 8.34 -1.27 -9.11
N SER D 5 7.45 -1.04 -8.15
CA SER D 5 6.08 -1.55 -8.22
C SER D 5 5.04 -0.44 -8.33
N ASP D 6 5.42 0.82 -8.10
CA ASP D 6 4.47 1.92 -8.26
C ASP D 6 3.99 2.02 -9.70
N LEU D 7 4.86 1.69 -10.65
CA LEU D 7 4.48 1.58 -12.05
C LEU D 7 3.76 0.25 -12.26
N CYS D 8 3.67 -0.18 -13.51
CA CYS D 8 3.07 -1.44 -13.94
C CYS D 8 1.56 -1.46 -13.75
N ASN D 9 0.97 -0.45 -13.10
CA ASN D 9 -0.45 -0.44 -12.81
C ASN D 9 -1.09 0.86 -13.28
N LEU D 10 -0.46 1.54 -14.23
CA LEU D 10 -0.97 2.82 -14.70
C LEU D 10 -2.26 2.62 -15.48
N ASN D 11 -2.93 3.72 -15.79
CA ASN D 11 -4.20 3.68 -16.50
C ASN D 11 -3.99 3.85 -17.99
N LEU D 12 -4.92 3.29 -18.77
CA LEU D 12 -4.84 3.33 -20.23
C LEU D 12 -5.65 4.49 -20.80
N SER D 13 -6.96 4.47 -20.59
CA SER D 13 -7.88 5.29 -21.38
C SER D 13 -7.75 6.78 -21.10
N GLU D 14 -7.15 7.17 -19.98
CA GLU D 14 -7.04 8.59 -19.66
C GLU D 14 -6.08 9.30 -20.62
N SER D 15 -4.97 8.64 -20.98
CA SER D 15 -3.96 9.26 -21.83
C SER D 15 -4.15 8.90 -23.30
N THR D 16 -4.10 7.61 -23.63
CA THR D 16 -4.20 7.14 -25.01
C THR D 16 -5.15 5.96 -25.08
N GLU D 17 -5.77 5.79 -26.24
CA GLU D 17 -6.67 4.66 -26.46
C GLU D 17 -5.95 3.44 -27.06
N LYS D 18 -4.63 3.49 -27.17
CA LYS D 18 -3.85 2.34 -27.59
C LYS D 18 -3.98 1.22 -26.57
N ILE D 19 -3.93 -0.02 -27.06
CA ILE D 19 -3.94 -1.20 -26.20
C ILE D 19 -2.71 -2.01 -26.52
N ILE D 20 -2.41 -2.98 -25.64
CA ILE D 20 -1.30 -3.89 -25.87
C ILE D 20 -1.91 -5.24 -26.28
N ALA D 21 -1.03 -6.16 -26.66
CA ALA D 21 -1.43 -7.53 -27.01
C ALA D 21 -0.21 -8.42 -26.91
N GLU D 22 -0.32 -9.49 -26.13
CA GLU D 22 0.78 -10.41 -25.89
C GLU D 22 0.60 -11.63 -26.81
N TYR D 23 1.45 -11.76 -27.82
CA TYR D 23 1.32 -12.88 -28.75
C TYR D 23 2.04 -14.10 -28.17
N ILE D 24 1.31 -15.21 -28.05
CA ILE D 24 1.75 -16.41 -27.35
C ILE D 24 1.76 -17.58 -28.32
N TRP D 25 2.88 -18.29 -28.39
CA TRP D 25 3.03 -19.47 -29.21
C TRP D 25 3.68 -20.57 -28.39
N ILE D 26 3.71 -21.78 -28.96
CA ILE D 26 4.16 -22.98 -28.26
C ILE D 26 5.63 -23.22 -28.59
N GLY D 27 6.42 -23.52 -27.57
CA GLY D 27 7.84 -23.72 -27.77
C GLY D 27 8.16 -25.00 -28.52
N GLY D 28 9.44 -25.14 -28.86
CA GLY D 28 9.86 -26.27 -29.68
C GLY D 28 9.72 -27.60 -28.97
N SER D 29 10.14 -27.68 -27.70
CA SER D 29 10.08 -28.94 -26.97
C SER D 29 8.66 -29.34 -26.59
N GLY D 30 7.68 -28.44 -26.74
CA GLY D 30 6.30 -28.73 -26.45
C GLY D 30 5.86 -28.41 -25.04
N MET D 31 6.80 -28.22 -24.10
CA MET D 31 6.45 -27.90 -22.73
C MET D 31 6.57 -26.42 -22.41
N ASP D 32 7.43 -25.68 -23.13
CA ASP D 32 7.59 -24.26 -22.92
C ASP D 32 6.62 -23.48 -23.80
N LEU D 33 5.97 -22.48 -23.22
CA LEU D 33 5.01 -21.64 -23.92
C LEU D 33 5.51 -20.20 -23.90
N ARG D 34 5.94 -19.71 -25.06
CA ARG D 34 6.61 -18.42 -25.15
C ARG D 34 5.66 -17.34 -25.65
N SER D 35 6.10 -16.09 -25.55
CA SER D 35 5.29 -14.96 -25.97
C SER D 35 6.17 -13.72 -26.08
N LYS D 36 5.66 -12.73 -26.80
CA LYS D 36 6.28 -11.40 -26.84
C LYS D 36 5.22 -10.36 -27.12
N ALA D 37 5.54 -9.11 -26.83
CA ALA D 37 4.53 -8.07 -26.79
C ALA D 37 4.40 -7.33 -28.13
N ARG D 38 3.23 -6.73 -28.33
CA ARG D 38 2.93 -5.93 -29.50
C ARG D 38 1.86 -4.93 -29.10
N THR D 39 1.68 -3.89 -29.90
CA THR D 39 0.72 -2.85 -29.60
C THR D 39 -0.36 -2.80 -30.68
N LEU D 40 -1.51 -2.25 -30.32
CA LEU D 40 -2.63 -2.13 -31.23
C LEU D 40 -3.32 -0.80 -31.01
N ASN D 41 -4.00 -0.32 -32.04
CA ASN D 41 -4.63 1.00 -31.99
C ASN D 41 -5.96 0.97 -31.26
N ALA D 42 -6.93 0.21 -31.77
CA ALA D 42 -8.25 0.21 -31.17
C ALA D 42 -8.57 -1.14 -30.53
N PRO D 43 -9.19 -1.14 -29.34
CA PRO D 43 -9.50 -2.40 -28.65
C PRO D 43 -10.69 -3.11 -29.29
N VAL D 44 -10.44 -4.28 -29.87
CA VAL D 44 -11.48 -5.13 -30.45
C VAL D 44 -11.20 -6.57 -30.04
N SER D 45 -12.24 -7.29 -29.62
CA SER D 45 -12.10 -8.66 -29.15
C SER D 45 -12.32 -9.71 -30.24
N ASP D 46 -12.64 -9.30 -31.46
CA ASP D 46 -12.88 -10.26 -32.54
C ASP D 46 -11.56 -10.75 -33.09
N PRO D 47 -11.30 -12.07 -33.07
CA PRO D 47 -10.00 -12.57 -33.56
C PRO D 47 -9.79 -12.35 -35.06
N SER D 48 -10.84 -12.08 -35.82
CA SER D 48 -10.68 -11.90 -37.26
C SER D 48 -10.07 -10.55 -37.62
N LYS D 49 -10.30 -9.52 -36.81
CA LYS D 49 -9.87 -8.18 -37.17
C LYS D 49 -8.40 -7.90 -36.85
N LEU D 50 -7.77 -8.73 -36.04
CA LEU D 50 -6.38 -8.49 -35.66
C LEU D 50 -5.43 -8.82 -36.80
N PRO D 51 -4.30 -8.14 -36.87
CA PRO D 51 -3.35 -8.39 -37.97
C PRO D 51 -2.48 -9.61 -37.70
N GLN D 52 -2.24 -10.38 -38.76
CA GLN D 52 -1.34 -11.51 -38.70
C GLN D 52 0.07 -11.02 -38.39
N TRP D 53 0.84 -11.81 -37.67
CA TRP D 53 2.16 -11.39 -37.23
C TRP D 53 3.10 -12.58 -37.43
N ASN D 54 4.35 -12.47 -36.98
CA ASN D 54 5.27 -13.58 -37.18
C ASN D 54 6.46 -13.43 -36.25
N TYR D 55 7.39 -14.37 -36.36
CA TYR D 55 8.66 -14.27 -35.62
C TYR D 55 9.73 -15.05 -36.36
N ASP D 56 10.91 -15.10 -35.76
CA ASP D 56 12.04 -15.85 -36.29
C ASP D 56 12.20 -17.13 -35.48
N GLY D 57 12.21 -18.27 -36.17
CA GLY D 57 12.35 -19.56 -35.52
C GLY D 57 13.77 -20.01 -35.29
N SER D 58 14.76 -19.28 -35.80
CA SER D 58 16.15 -19.66 -35.58
C SER D 58 16.54 -19.51 -34.12
N SER D 59 16.07 -18.46 -33.45
CA SER D 59 16.39 -18.22 -32.06
C SER D 59 15.66 -19.20 -31.14
N SER D 68 13.88 -19.02 -41.32
CA SER D 68 13.26 -19.65 -40.15
C SER D 68 12.01 -18.88 -39.72
N GLU D 69 11.46 -18.08 -40.62
CA GLU D 69 10.29 -17.26 -40.29
C GLU D 69 9.09 -18.16 -40.03
N VAL D 70 8.36 -17.86 -38.95
CA VAL D 70 7.17 -18.62 -38.57
C VAL D 70 6.03 -17.64 -38.40
N ILE D 71 4.93 -17.88 -39.11
CA ILE D 71 3.79 -16.98 -39.11
C ILE D 71 2.85 -17.36 -37.98
N LEU D 72 2.13 -16.36 -37.44
CA LEU D 72 1.17 -16.55 -36.37
C LEU D 72 -0.08 -15.73 -36.67
N TYR D 73 -1.23 -16.29 -36.30
CA TYR D 73 -2.53 -15.69 -36.55
C TYR D 73 -3.29 -15.52 -35.24
N PRO D 74 -4.08 -14.45 -35.09
CA PRO D 74 -4.87 -14.29 -33.86
C PRO D 74 -5.98 -15.32 -33.75
N GLN D 75 -5.80 -16.31 -32.87
CA GLN D 75 -6.79 -17.37 -32.69
C GLN D 75 -7.70 -17.10 -31.50
N ALA D 76 -7.13 -16.93 -30.31
CA ALA D 76 -7.90 -16.76 -29.09
C ALA D 76 -7.62 -15.39 -28.49
N ILE D 77 -8.67 -14.65 -28.17
CA ILE D 77 -8.57 -13.31 -27.58
C ILE D 77 -9.25 -13.34 -26.22
N TYR D 78 -8.47 -13.14 -25.16
CA TYR D 78 -9.00 -13.04 -23.81
C TYR D 78 -8.38 -11.80 -23.16
N LYS D 79 -8.85 -11.46 -21.96
CA LYS D 79 -8.30 -10.32 -21.26
C LYS D 79 -7.06 -10.72 -20.48
N ASP D 80 -6.44 -9.74 -19.82
CA ASP D 80 -5.11 -9.91 -19.27
C ASP D 80 -5.17 -9.69 -17.76
N PRO D 81 -4.65 -10.62 -16.96
CA PRO D 81 -4.70 -10.42 -15.50
C PRO D 81 -3.58 -9.54 -14.97
N PHE D 82 -2.45 -9.49 -15.67
CA PHE D 82 -1.30 -8.75 -15.21
C PHE D 82 -1.25 -7.32 -15.74
N ARG D 83 -2.29 -6.89 -16.46
CA ARG D 83 -2.35 -5.51 -16.92
C ARG D 83 -3.72 -4.86 -16.74
N ARG D 84 -4.80 -5.62 -16.68
CA ARG D 84 -6.16 -5.07 -16.51
C ARG D 84 -6.42 -4.06 -17.63
N GLY D 85 -7.36 -3.14 -17.40
CA GLY D 85 -7.72 -2.19 -18.43
C GLY D 85 -8.33 -2.89 -19.63
N ASN D 86 -7.91 -2.46 -20.83
CA ASN D 86 -8.34 -3.06 -22.07
C ASN D 86 -7.28 -3.95 -22.71
N ASN D 87 -6.18 -4.21 -21.99
CA ASN D 87 -5.12 -5.07 -22.51
C ASN D 87 -5.65 -6.48 -22.76
N ILE D 88 -5.06 -7.16 -23.73
CA ILE D 88 -5.60 -8.41 -24.25
C ILE D 88 -4.46 -9.41 -24.46
N LEU D 89 -4.70 -10.66 -24.08
CA LEU D 89 -3.85 -11.78 -24.42
C LEU D 89 -4.42 -12.50 -25.64
N VAL D 90 -3.53 -13.00 -26.49
CA VAL D 90 -3.93 -13.79 -27.65
C VAL D 90 -3.14 -15.09 -27.67
N MET D 91 -3.86 -16.19 -27.84
CA MET D 91 -3.27 -17.50 -28.06
C MET D 91 -3.23 -17.77 -29.56
N CYS D 92 -2.04 -18.07 -30.06
CA CYS D 92 -1.81 -18.23 -31.49
C CYS D 92 -0.93 -19.45 -31.73
N ASP D 93 -1.09 -20.04 -32.91
CA ASP D 93 -0.41 -21.27 -33.29
C ASP D 93 0.63 -21.00 -34.38
N ALA D 94 1.62 -21.88 -34.46
CA ALA D 94 2.75 -21.68 -35.35
C ALA D 94 2.49 -22.29 -36.72
N TYR D 95 2.38 -21.43 -37.74
CA TYR D 95 2.22 -21.86 -39.12
C TYR D 95 3.47 -21.47 -39.92
N THR D 96 4.07 -22.46 -40.58
CA THR D 96 5.18 -22.18 -41.48
C THR D 96 4.63 -21.71 -42.83
N PRO D 97 5.09 -20.56 -43.34
CA PRO D 97 4.57 -20.00 -44.59
C PRO D 97 4.80 -20.91 -45.81
N GLU D 100 1.84 -24.32 -44.69
CA GLU D 100 1.67 -25.56 -43.97
C GLU D 100 2.02 -25.40 -42.49
N PRO D 101 1.18 -25.94 -41.61
CA PRO D 101 1.46 -25.86 -40.18
C PRO D 101 2.73 -26.62 -39.82
N ILE D 102 3.45 -26.07 -38.85
CA ILE D 102 4.67 -26.69 -38.33
C ILE D 102 4.27 -27.98 -37.63
N PRO D 103 5.09 -29.03 -37.67
CA PRO D 103 4.71 -30.27 -36.95
C PRO D 103 4.51 -30.09 -35.46
N THR D 104 5.25 -29.16 -34.83
CA THR D 104 5.10 -28.94 -33.39
C THR D 104 3.78 -28.25 -33.05
N ASN D 105 3.06 -27.73 -34.05
CA ASN D 105 1.81 -27.02 -33.78
C ASN D 105 0.78 -27.94 -33.14
N LYS D 106 0.52 -29.09 -33.78
CA LYS D 106 -0.40 -30.13 -33.31
C LYS D 106 -1.85 -29.64 -33.23
N ARG D 107 -2.15 -28.43 -33.70
CA ARG D 107 -3.49 -27.88 -33.62
C ARG D 107 -4.26 -27.99 -34.92
N PHE D 108 -3.58 -28.12 -36.06
CA PHE D 108 -4.28 -28.20 -37.34
C PHE D 108 -5.14 -29.47 -37.42
N ASP D 109 -4.59 -30.60 -36.96
CA ASP D 109 -5.35 -31.84 -36.97
C ASP D 109 -6.58 -31.74 -36.08
N ALA D 110 -6.43 -31.17 -34.89
CA ALA D 110 -7.57 -31.02 -33.98
C ALA D 110 -8.62 -30.09 -34.58
N ALA D 111 -8.18 -29.00 -35.19
CA ALA D 111 -9.12 -28.05 -35.80
C ALA D 111 -9.90 -28.70 -36.95
N LYS D 112 -9.21 -29.47 -37.80
CA LYS D 112 -9.90 -30.11 -38.90
C LYS D 112 -10.80 -31.25 -38.41
N ILE D 113 -10.44 -31.89 -37.30
CA ILE D 113 -11.30 -32.94 -36.74
C ILE D 113 -12.58 -32.32 -36.16
N PHE D 114 -12.43 -31.24 -35.39
CA PHE D 114 -13.57 -30.61 -34.74
C PHE D 114 -14.38 -29.72 -35.67
N SER D 115 -13.87 -29.41 -36.86
CA SER D 115 -14.62 -28.61 -37.82
C SER D 115 -15.27 -29.49 -38.88
N GLU D 123 -21.24 -30.49 -30.96
CA GLU D 123 -20.91 -29.63 -29.83
C GLU D 123 -20.43 -30.44 -28.63
N PRO D 124 -19.23 -31.01 -28.71
CA PRO D 124 -18.71 -31.83 -27.62
C PRO D 124 -18.06 -30.98 -26.53
N TRP D 125 -18.69 -30.95 -25.36
CA TRP D 125 -18.13 -30.26 -24.21
C TRP D 125 -17.13 -31.17 -23.52
N TYR D 126 -15.99 -30.60 -23.13
CA TYR D 126 -14.89 -31.38 -22.58
C TYR D 126 -14.42 -30.79 -21.26
N GLY D 127 -13.98 -31.67 -20.37
CA GLY D 127 -13.37 -31.26 -19.12
C GLY D 127 -12.09 -32.03 -18.87
N ILE D 128 -10.98 -31.32 -18.76
CA ILE D 128 -9.68 -31.94 -18.58
C ILE D 128 -9.16 -31.60 -17.19
N GLU D 129 -8.38 -32.52 -16.62
CA GLU D 129 -7.83 -32.38 -15.28
C GLU D 129 -6.33 -32.14 -15.38
N GLN D 130 -5.83 -31.18 -14.61
CA GLN D 130 -4.43 -30.78 -14.64
C GLN D 130 -3.82 -30.86 -13.25
N GLU D 131 -2.56 -31.27 -13.20
CA GLU D 131 -1.82 -31.41 -11.95
C GLU D 131 -0.50 -30.67 -12.07
N TYR D 132 -0.08 -30.02 -10.98
CA TYR D 132 1.20 -29.33 -10.96
C TYR D 132 1.79 -29.35 -9.57
N THR D 133 3.13 -29.30 -9.50
CA THR D 133 3.87 -29.37 -8.25
C THR D 133 4.74 -28.12 -8.09
N LEU D 134 4.77 -27.59 -6.87
CA LEU D 134 5.52 -26.40 -6.54
C LEU D 134 6.80 -26.79 -5.82
N LEU D 135 7.94 -26.21 -6.23
CA LEU D 135 9.21 -26.51 -5.60
C LEU D 135 9.99 -25.22 -5.41
N GLN D 136 10.94 -25.26 -4.48
CA GLN D 136 11.78 -24.11 -4.20
C GLN D 136 12.66 -23.78 -5.40
N LYS D 137 13.00 -22.50 -5.54
CA LYS D 137 13.72 -22.04 -6.72
C LYS D 137 15.11 -22.66 -6.81
N GLU D 138 15.81 -22.79 -5.69
CA GLU D 138 17.19 -23.24 -5.68
C GLU D 138 17.35 -24.69 -5.26
N VAL D 139 16.84 -25.07 -4.08
CA VAL D 139 17.09 -26.40 -3.55
C VAL D 139 16.23 -27.47 -4.19
N LYS D 140 15.19 -27.09 -4.93
CA LYS D 140 14.29 -27.97 -5.67
C LYS D 140 13.36 -28.77 -4.78
N TRP D 141 13.48 -28.70 -3.46
CA TRP D 141 12.54 -29.37 -2.58
C TRP D 141 11.28 -28.52 -2.40
N PRO D 142 10.15 -29.16 -2.07
CA PRO D 142 8.91 -28.39 -1.88
C PRO D 142 9.02 -27.42 -0.72
N ILE D 143 8.31 -26.30 -0.84
CA ILE D 143 8.34 -25.28 0.20
C ILE D 143 7.65 -25.79 1.46
N GLY D 144 8.25 -25.49 2.61
CA GLY D 144 7.71 -25.93 3.88
C GLY D 144 7.93 -27.40 4.15
N PRO D 156 -3.37 -37.41 5.00
CA PRO D 156 -3.84 -36.28 5.81
C PRO D 156 -3.72 -34.95 5.08
N TYR D 157 -2.83 -34.89 4.09
CA TYR D 157 -2.62 -33.68 3.31
C TYR D 157 -3.79 -33.36 2.39
N TYR D 158 -4.74 -34.27 2.23
CA TYR D 158 -5.82 -34.09 1.26
C TYR D 158 -6.66 -32.87 1.61
N CYS D 159 -6.56 -31.82 0.78
CA CYS D 159 -7.29 -30.57 1.00
C CYS D 159 -7.01 -30.00 2.38
N GLY D 160 -5.76 -30.10 2.82
CA GLY D 160 -5.42 -29.67 4.17
C GLY D 160 -5.47 -28.16 4.32
N ILE D 161 -5.47 -27.74 5.59
CA ILE D 161 -5.59 -26.33 5.94
C ILE D 161 -4.54 -26.00 6.98
N GLY D 162 -4.21 -24.71 7.08
CA GLY D 162 -3.30 -24.25 8.11
C GLY D 162 -1.86 -24.64 7.84
N ALA D 163 -1.06 -24.62 8.91
CA ALA D 163 0.34 -24.96 8.82
C ALA D 163 0.53 -26.45 8.55
N ASP D 164 1.65 -26.77 7.90
CA ASP D 164 2.08 -28.12 7.55
C ASP D 164 1.16 -28.80 6.55
N LYS D 165 0.13 -28.14 6.05
CA LYS D 165 -0.78 -28.73 5.08
C LYS D 165 -0.77 -28.01 3.74
N ALA D 166 -1.03 -26.71 3.73
CA ALA D 166 -1.09 -25.92 2.50
C ALA D 166 0.05 -24.93 2.49
N PHE D 167 0.87 -24.98 1.44
CA PHE D 167 2.01 -24.08 1.29
C PHE D 167 1.79 -23.20 0.08
N GLY D 168 1.84 -21.89 0.28
CA GLY D 168 1.65 -20.96 -0.81
C GLY D 168 0.26 -20.97 -1.41
N ARG D 169 -0.78 -20.98 -0.58
CA ARG D 169 -2.15 -20.86 -1.10
C ARG D 169 -2.39 -19.49 -1.72
N ASP D 170 -1.54 -18.49 -1.44
CA ASP D 170 -1.70 -17.19 -2.07
C ASP D 170 -1.53 -17.30 -3.59
N ILE D 171 -0.54 -18.06 -4.04
CA ILE D 171 -0.36 -18.30 -5.47
C ILE D 171 -1.62 -18.93 -6.05
N VAL D 172 -2.21 -19.88 -5.32
CA VAL D 172 -3.34 -20.64 -5.82
C VAL D 172 -4.59 -19.76 -5.92
N ASP D 173 -4.86 -18.96 -4.88
CA ASP D 173 -5.98 -18.04 -4.94
C ASP D 173 -5.77 -17.02 -6.05
N ALA D 174 -4.53 -16.56 -6.23
CA ALA D 174 -4.23 -15.63 -7.31
C ALA D 174 -4.53 -16.24 -8.66
N HIS D 175 -4.08 -17.49 -8.87
CA HIS D 175 -4.31 -18.12 -10.17
C HIS D 175 -5.78 -18.36 -10.41
N TYR D 176 -6.51 -18.80 -9.38
CA TYR D 176 -7.94 -19.02 -9.55
C TYR D 176 -8.66 -17.73 -9.95
N LYS D 177 -8.37 -16.64 -9.24
CA LYS D 177 -9.07 -15.40 -9.55
C LYS D 177 -8.64 -14.80 -10.88
N ALA D 178 -7.36 -14.92 -11.22
CA ALA D 178 -6.90 -14.45 -12.53
C ALA D 178 -7.56 -15.22 -13.65
N CYS D 179 -7.68 -16.55 -13.49
CA CYS D 179 -8.32 -17.36 -14.52
C CYS D 179 -9.80 -17.02 -14.66
N LEU D 180 -10.50 -16.76 -13.56
CA LEU D 180 -11.87 -16.27 -13.70
C LEU D 180 -11.91 -14.93 -14.41
N TYR D 181 -10.96 -14.04 -14.10
CA TYR D 181 -10.99 -12.70 -14.67
C TYR D 181 -10.74 -12.72 -16.17
N ALA D 182 -9.79 -13.54 -16.63
CA ALA D 182 -9.38 -13.50 -18.03
C ALA D 182 -10.52 -13.90 -18.96
N GLY D 183 -11.13 -15.04 -18.70
CA GLY D 183 -12.13 -15.59 -19.60
C GLY D 183 -12.08 -17.11 -19.60
N ILE D 184 -10.96 -17.66 -19.14
CA ILE D 184 -10.90 -19.09 -18.86
C ILE D 184 -12.00 -19.43 -17.88
N ASN D 185 -12.97 -20.25 -18.31
CA ASN D 185 -14.05 -20.65 -17.41
C ASN D 185 -13.61 -21.88 -16.62
N ILE D 186 -12.67 -21.65 -15.70
CA ILE D 186 -12.19 -22.70 -14.83
C ILE D 186 -13.30 -23.08 -13.85
N SER D 187 -13.25 -24.33 -13.36
CA SER D 187 -14.31 -24.86 -12.51
C SER D 187 -13.93 -24.93 -11.05
N GLY D 188 -12.87 -25.64 -10.71
CA GLY D 188 -12.51 -25.79 -9.31
C GLY D 188 -11.09 -26.28 -9.18
N ILE D 189 -10.55 -26.11 -7.97
CA ILE D 189 -9.21 -26.54 -7.63
C ILE D 189 -9.26 -27.24 -6.29
N ASN D 190 -8.25 -28.07 -6.03
CA ASN D 190 -8.17 -28.79 -4.77
C ASN D 190 -6.74 -29.19 -4.51
N GLY D 191 -6.43 -29.40 -3.22
CA GLY D 191 -5.15 -29.93 -2.83
C GLY D 191 -5.14 -31.44 -2.94
N GLU D 192 -4.00 -32.03 -2.59
CA GLU D 192 -3.84 -33.48 -2.66
C GLU D 192 -2.88 -33.92 -1.57
N VAL D 193 -2.38 -35.15 -1.69
CA VAL D 193 -1.62 -35.78 -0.61
C VAL D 193 -0.13 -35.46 -0.70
N MET D 194 0.46 -35.57 -1.88
CA MET D 194 1.89 -35.34 -2.02
C MET D 194 2.21 -33.89 -1.67
N PRO D 195 3.30 -33.62 -0.95
CA PRO D 195 3.56 -32.26 -0.48
C PRO D 195 3.67 -31.27 -1.63
N GLY D 196 3.06 -30.10 -1.45
CA GLY D 196 3.23 -29.00 -2.36
C GLY D 196 2.74 -29.22 -3.78
N GLN D 197 1.60 -29.89 -3.97
CA GLN D 197 1.03 -30.05 -5.29
C GLN D 197 -0.48 -29.98 -5.22
N TRP D 198 -1.08 -29.61 -6.35
CA TRP D 198 -2.49 -29.22 -6.40
C TRP D 198 -3.11 -29.82 -7.66
N GLU D 199 -4.29 -29.31 -8.02
CA GLU D 199 -4.96 -29.69 -9.26
C GLU D 199 -6.16 -28.79 -9.52
N PHE D 200 -6.22 -28.19 -10.71
CA PHE D 200 -7.37 -27.39 -11.11
C PHE D 200 -8.07 -28.05 -12.28
N GLN D 201 -9.32 -27.65 -12.53
CA GLN D 201 -10.17 -28.32 -13.50
C GLN D 201 -10.90 -27.31 -14.36
N VAL D 202 -10.84 -27.50 -15.68
CA VAL D 202 -11.59 -26.70 -16.64
C VAL D 202 -12.56 -27.63 -17.36
N GLY D 203 -13.85 -27.45 -17.10
CA GLY D 203 -14.85 -28.36 -17.62
C GLY D 203 -15.94 -27.76 -18.52
N PRO D 204 -16.40 -26.54 -18.25
CA PRO D 204 -17.46 -25.97 -19.12
C PRO D 204 -16.91 -25.31 -20.37
N SER D 205 -16.27 -26.11 -21.22
CA SER D 205 -15.62 -25.62 -22.43
C SER D 205 -16.20 -26.33 -23.64
N VAL D 206 -16.24 -25.62 -24.76
CA VAL D 206 -16.91 -26.09 -25.98
C VAL D 206 -15.89 -26.19 -27.10
N GLY D 207 -15.93 -27.30 -27.83
CA GLY D 207 -15.16 -27.47 -29.05
C GLY D 207 -13.66 -27.48 -28.83
N ILE D 208 -12.94 -27.22 -29.93
CA ILE D 208 -11.48 -27.16 -29.89
C ILE D 208 -11.03 -26.06 -28.94
N SER D 209 -11.83 -24.99 -28.82
CA SER D 209 -11.50 -23.92 -27.88
C SER D 209 -11.25 -24.49 -26.49
N SER D 210 -11.97 -25.55 -26.13
CA SER D 210 -11.71 -26.28 -24.90
C SER D 210 -10.22 -26.49 -24.68
N GLY D 211 -9.58 -27.25 -25.58
CA GLY D 211 -8.16 -27.47 -25.46
C GLY D 211 -7.40 -26.16 -25.44
N ASP D 212 -7.77 -25.23 -26.34
CA ASP D 212 -7.13 -23.92 -26.37
C ASP D 212 -7.14 -23.29 -24.99
N GLN D 213 -8.31 -23.29 -24.33
CA GLN D 213 -8.43 -22.65 -23.04
C GLN D 213 -7.42 -23.23 -22.05
N LEU D 214 -7.31 -24.56 -22.02
CA LEU D 214 -6.35 -25.17 -21.11
C LEU D 214 -4.99 -24.53 -21.29
N TRP D 215 -4.52 -24.45 -22.54
CA TRP D 215 -3.19 -23.92 -22.79
C TRP D 215 -3.05 -22.53 -22.18
N MET D 216 -4.01 -21.64 -22.48
CA MET D 216 -3.90 -20.29 -21.97
C MET D 216 -3.86 -20.28 -20.45
N ALA D 217 -4.72 -21.09 -19.82
CA ALA D 217 -4.70 -21.15 -18.37
C ALA D 217 -3.33 -21.59 -17.87
N ARG D 218 -2.76 -22.62 -18.50
CA ARG D 218 -1.42 -23.04 -18.13
C ARG D 218 -0.47 -21.85 -18.14
N TYR D 219 -0.52 -21.07 -19.23
CA TYR D 219 0.38 -19.93 -19.38
C TYR D 219 0.31 -19.04 -18.14
N ILE D 220 -0.91 -18.68 -17.74
CA ILE D 220 -1.08 -17.70 -16.67
C ILE D 220 -0.30 -18.16 -15.45
N LEU D 221 -0.40 -19.45 -15.13
CA LEU D 221 0.23 -19.97 -13.91
C LEU D 221 1.69 -19.58 -13.86
N GLU D 222 2.43 -19.81 -14.95
CA GLU D 222 3.87 -19.58 -14.88
C GLU D 222 4.17 -18.13 -14.52
N ARG D 223 3.47 -17.19 -15.16
CA ARG D 223 3.74 -15.79 -14.87
C ARG D 223 3.52 -15.49 -13.39
N ILE D 224 2.44 -16.04 -12.83
CA ILE D 224 2.16 -15.84 -11.41
C ILE D 224 3.28 -16.43 -10.58
N THR D 225 3.72 -17.65 -10.93
CA THR D 225 4.83 -18.23 -10.19
C THR D 225 6.10 -17.42 -10.40
N GLU D 226 6.21 -16.75 -11.55
CA GLU D 226 7.32 -15.83 -11.79
C GLU D 226 7.47 -14.81 -10.66
N ILE D 227 6.34 -14.38 -10.09
CA ILE D 227 6.39 -13.37 -9.05
C ILE D 227 6.96 -13.95 -7.76
N ALA D 228 6.69 -15.23 -7.49
CA ALA D 228 6.95 -15.80 -6.18
C ALA D 228 8.34 -16.41 -6.00
N GLY D 229 9.13 -16.51 -7.07
CA GLY D 229 10.41 -17.21 -6.94
C GLY D 229 10.26 -18.69 -6.65
N VAL D 230 9.34 -19.35 -7.34
CA VAL D 230 9.04 -20.77 -7.16
C VAL D 230 9.12 -21.41 -8.54
N VAL D 231 9.34 -22.71 -8.58
CA VAL D 231 9.40 -23.46 -9.84
C VAL D 231 8.21 -24.41 -9.91
N VAL D 232 7.49 -24.35 -11.02
CA VAL D 232 6.33 -25.22 -11.28
C VAL D 232 6.80 -26.38 -12.14
N SER D 233 6.56 -27.59 -11.69
CA SER D 233 6.86 -28.80 -12.45
C SER D 233 5.57 -29.56 -12.67
N PHE D 234 5.20 -29.73 -13.94
CA PHE D 234 4.06 -30.55 -14.32
C PHE D 234 4.43 -32.01 -14.55
N ASP D 235 5.71 -32.34 -14.54
CA ASP D 235 6.14 -33.70 -14.86
C ASP D 235 5.67 -34.67 -13.78
N PRO D 236 5.36 -35.91 -14.15
CA PRO D 236 4.82 -36.86 -13.17
C PRO D 236 5.75 -37.13 -12.00
N LYS D 237 7.06 -37.16 -12.24
CA LYS D 237 8.03 -37.52 -11.21
C LYS D 237 9.13 -36.45 -11.15
N PRO D 238 8.88 -35.34 -10.44
CA PRO D 238 9.90 -34.31 -10.23
C PRO D 238 11.07 -34.79 -9.40
N HIS D 249 -7.23 -37.54 -16.66
CA HIS D 249 -8.68 -37.59 -16.57
C HIS D 249 -9.31 -36.72 -17.65
N THR D 250 -10.23 -37.31 -18.41
CA THR D 250 -10.93 -36.61 -19.49
C THR D 250 -12.43 -36.79 -19.32
N ASN D 251 -13.17 -35.69 -19.39
CA ASN D 251 -14.62 -35.71 -19.29
C ASN D 251 -15.23 -35.46 -20.66
N TYR D 252 -16.25 -36.23 -21.00
CA TYR D 252 -16.90 -36.15 -22.30
C TYR D 252 -18.40 -35.94 -22.10
N SER D 253 -18.95 -34.95 -22.81
CA SER D 253 -20.38 -34.69 -22.75
C SER D 253 -20.79 -33.96 -24.03
N THR D 254 -21.87 -34.36 -24.67
CA THR D 254 -22.18 -33.73 -25.95
C THR D 254 -23.44 -32.90 -25.96
N LYS D 255 -23.82 -32.39 -27.12
CA LYS D 255 -25.07 -31.66 -27.22
C LYS D 255 -26.12 -32.74 -27.28
N SER D 256 -25.76 -33.90 -27.82
CA SER D 256 -26.67 -35.02 -27.86
C SER D 256 -26.44 -35.85 -26.61
N MET D 257 -25.54 -35.40 -25.73
CA MET D 257 -25.21 -36.12 -24.50
C MET D 257 -24.84 -37.56 -24.77
N ARG D 258 -25.63 -38.49 -24.25
CA ARG D 258 -25.31 -39.90 -24.43
C ARG D 258 -26.19 -40.56 -25.48
N SER D 259 -26.77 -39.75 -26.37
CA SER D 259 -27.50 -40.26 -27.51
C SER D 259 -26.88 -39.77 -28.81
N SER D 336 1.76 -40.32 -26.57
CA SER D 336 1.17 -40.40 -25.25
C SER D 336 1.68 -39.30 -24.33
N ASN D 337 1.89 -38.11 -24.86
CA ASN D 337 2.29 -36.99 -24.01
C ASN D 337 1.04 -36.29 -23.54
N MET D 338 1.17 -35.37 -22.60
CA MET D 338 0.01 -34.60 -22.18
C MET D 338 -0.30 -33.51 -23.18
N ASP D 339 -1.16 -33.81 -24.15
CA ASP D 339 -1.49 -32.84 -25.17
C ASP D 339 -2.98 -32.42 -25.12
N PRO D 340 -3.31 -31.14 -24.70
CA PRO D 340 -4.72 -30.77 -24.77
C PRO D 340 -5.34 -30.96 -26.14
N TYR D 341 -4.54 -31.25 -27.17
CA TYR D 341 -5.07 -31.38 -28.52
C TYR D 341 -5.09 -32.84 -28.96
N ILE D 342 -3.98 -33.55 -28.73
CA ILE D 342 -3.90 -34.94 -29.16
C ILE D 342 -4.93 -35.79 -28.41
N VAL D 343 -5.04 -35.59 -27.10
CA VAL D 343 -5.97 -36.39 -26.30
C VAL D 343 -7.41 -36.13 -26.71
N THR D 344 -7.77 -34.85 -26.86
CA THR D 344 -9.14 -34.53 -27.23
C THR D 344 -9.48 -35.02 -28.64
N SER D 345 -8.52 -34.91 -29.57
CA SER D 345 -8.76 -35.41 -30.92
C SER D 345 -8.92 -36.92 -30.94
N MET D 346 -8.08 -37.64 -30.18
CA MET D 346 -8.21 -39.10 -30.14
C MET D 346 -9.52 -39.53 -29.51
N ILE D 347 -9.94 -38.88 -28.43
CA ILE D 347 -11.15 -39.31 -27.75
C ILE D 347 -12.42 -38.77 -28.39
N ALA D 348 -12.27 -37.88 -29.38
CA ALA D 348 -13.42 -37.40 -30.13
C ALA D 348 -13.56 -38.27 -31.34
N ASN D 349 -12.46 -38.87 -31.77
CA ASN D 349 -12.53 -39.67 -32.98
C ASN D 349 -13.46 -40.86 -32.78
N THR D 350 -13.35 -41.49 -31.62
CA THR D 350 -14.15 -42.67 -31.34
C THR D 350 -15.60 -42.37 -31.06
N THR D 351 -15.91 -41.13 -30.74
CA THR D 351 -17.27 -40.78 -30.38
C THR D 351 -17.97 -39.88 -31.41
N ILE D 352 -17.74 -38.57 -31.32
CA ILE D 352 -18.44 -37.64 -32.23
C ILE D 352 -17.78 -37.53 -33.61
N LEU D 353 -16.50 -37.19 -33.66
CA LEU D 353 -15.83 -36.98 -34.94
C LEU D 353 -14.78 -38.04 -35.23
N SER E 2 2.34 -6.38 -4.35
CA SER E 2 3.75 -6.67 -4.53
C SER E 2 3.97 -8.16 -4.82
N LEU E 3 4.46 -8.90 -3.83
CA LEU E 3 4.69 -10.33 -3.98
C LEU E 3 3.36 -11.06 -3.82
N LEU E 4 2.66 -11.18 -4.94
CA LEU E 4 1.39 -11.92 -5.07
C LEU E 4 0.23 -11.19 -4.43
N SER E 5 0.51 -10.14 -3.66
CA SER E 5 -0.55 -9.44 -2.94
C SER E 5 -1.37 -8.52 -3.83
N ASP E 6 -0.82 -8.11 -4.97
CA ASP E 6 -1.60 -7.31 -5.92
C ASP E 6 -2.77 -8.13 -6.45
N LEU E 7 -2.56 -9.42 -6.64
CA LEU E 7 -3.61 -10.37 -6.98
C LEU E 7 -4.38 -10.72 -5.70
N CYS E 8 -5.19 -11.77 -5.75
CA CYS E 8 -5.95 -12.26 -4.60
C CYS E 8 -7.04 -11.27 -4.20
N ASN E 9 -7.12 -10.13 -4.88
CA ASN E 9 -8.03 -9.06 -4.50
C ASN E 9 -8.78 -8.48 -5.71
N LEU E 10 -8.76 -9.16 -6.84
CA LEU E 10 -9.39 -8.63 -8.03
C LEU E 10 -10.91 -8.59 -7.87
N ASN E 11 -11.55 -7.72 -8.62
CA ASN E 11 -13.01 -7.67 -8.64
C ASN E 11 -13.53 -8.69 -9.65
N LEU E 12 -14.83 -8.97 -9.57
CA LEU E 12 -15.47 -9.91 -10.47
C LEU E 12 -16.76 -9.41 -11.10
N SER E 13 -17.33 -8.31 -10.62
CA SER E 13 -18.63 -7.87 -11.11
C SER E 13 -18.57 -7.32 -12.53
N GLU E 14 -17.38 -7.08 -13.07
CA GLU E 14 -17.29 -6.54 -14.43
C GLU E 14 -16.96 -7.63 -15.45
N SER E 15 -16.02 -8.51 -15.12
CA SER E 15 -15.53 -9.49 -16.10
C SER E 15 -16.46 -10.69 -16.19
N THR E 16 -16.58 -11.45 -15.10
CA THR E 16 -17.37 -12.67 -15.08
C THR E 16 -18.12 -12.76 -13.75
N GLU E 17 -19.45 -12.81 -13.81
CA GLU E 17 -20.27 -12.99 -12.62
C GLU E 17 -20.31 -14.48 -12.27
N LYS E 18 -19.14 -14.99 -11.86
CA LYS E 18 -18.98 -16.39 -11.49
C LYS E 18 -18.65 -16.44 -10.00
N ILE E 19 -19.70 -16.53 -9.18
CA ILE E 19 -19.58 -16.69 -7.74
C ILE E 19 -18.84 -17.98 -7.41
N ILE E 20 -17.78 -17.87 -6.61
CA ILE E 20 -17.12 -19.09 -6.16
C ILE E 20 -17.82 -19.62 -4.92
N ALA E 21 -17.50 -20.86 -4.54
CA ALA E 21 -18.00 -21.43 -3.30
C ALA E 21 -17.00 -22.48 -2.83
N GLU E 22 -16.58 -22.40 -1.57
CA GLU E 22 -15.67 -23.37 -1.01
C GLU E 22 -16.44 -24.38 -0.16
N TYR E 23 -16.28 -25.67 -0.47
CA TYR E 23 -17.08 -26.72 0.16
C TYR E 23 -16.34 -27.23 1.39
N ILE E 24 -16.93 -26.98 2.56
CA ILE E 24 -16.29 -27.22 3.86
C ILE E 24 -16.86 -28.49 4.49
N TRP E 25 -15.98 -29.41 4.90
CA TRP E 25 -16.42 -30.62 5.57
C TRP E 25 -15.46 -30.93 6.72
N ILE E 26 -15.98 -31.63 7.72
CA ILE E 26 -15.21 -31.96 8.91
C ILE E 26 -14.23 -33.07 8.58
N GLY E 27 -13.02 -32.98 9.13
CA GLY E 27 -11.98 -33.94 8.85
C GLY E 27 -12.16 -35.28 9.53
N GLY E 28 -11.04 -35.91 9.90
CA GLY E 28 -11.09 -37.24 10.47
C GLY E 28 -11.11 -37.28 11.98
N SER E 29 -10.02 -37.74 12.58
CA SER E 29 -9.95 -37.91 14.03
C SER E 29 -10.07 -36.59 14.77
N GLY E 30 -9.16 -35.66 14.53
CA GLY E 30 -9.10 -34.41 15.26
C GLY E 30 -10.02 -33.35 14.69
N MET E 31 -9.78 -32.10 15.11
CA MET E 31 -10.58 -30.95 14.68
C MET E 31 -9.87 -30.28 13.50
N ASP E 32 -9.87 -30.96 12.36
CA ASP E 32 -9.25 -30.45 11.13
C ASP E 32 -10.33 -30.23 10.09
N LEU E 33 -10.91 -29.04 10.08
CA LEU E 33 -12.00 -28.72 9.18
C LEU E 33 -11.44 -28.33 7.81
N ARG E 34 -11.71 -29.14 6.78
CA ARG E 34 -11.04 -29.01 5.49
C ARG E 34 -12.04 -28.57 4.42
N SER E 35 -11.51 -28.30 3.23
CA SER E 35 -12.33 -27.79 2.14
C SER E 35 -11.56 -27.81 0.83
N LYS E 36 -12.28 -27.51 -0.26
CA LYS E 36 -11.72 -27.23 -1.57
C LYS E 36 -12.72 -26.38 -2.34
N ALA E 37 -12.25 -25.71 -3.40
CA ALA E 37 -13.05 -24.70 -4.07
C ALA E 37 -13.86 -25.30 -5.22
N ARG E 38 -14.91 -24.57 -5.62
CA ARG E 38 -15.78 -24.99 -6.72
C ARG E 38 -16.60 -23.79 -7.16
N THR E 39 -16.61 -23.52 -8.46
CA THR E 39 -17.21 -22.30 -8.97
C THR E 39 -18.73 -22.52 -9.09
N LEU E 40 -19.47 -21.47 -9.44
CA LEU E 40 -20.92 -21.54 -9.63
C LEU E 40 -21.29 -20.42 -10.59
N ASN E 41 -22.51 -20.48 -11.11
CA ASN E 41 -22.92 -19.54 -12.16
C ASN E 41 -23.63 -18.34 -11.55
N ALA E 42 -24.76 -18.57 -10.88
CA ALA E 42 -25.58 -17.45 -10.43
C ALA E 42 -25.47 -17.27 -8.93
N PRO E 43 -25.15 -16.07 -8.44
CA PRO E 43 -25.00 -15.86 -6.99
C PRO E 43 -26.34 -15.90 -6.25
N VAL E 44 -26.55 -16.94 -5.45
CA VAL E 44 -27.75 -17.11 -4.63
C VAL E 44 -27.32 -17.60 -3.26
N SER E 45 -27.97 -17.07 -2.22
CA SER E 45 -27.65 -17.42 -0.84
C SER E 45 -28.60 -18.43 -0.22
N ASP E 46 -29.57 -18.93 -0.97
CA ASP E 46 -30.51 -19.92 -0.46
C ASP E 46 -29.87 -21.30 -0.48
N PRO E 47 -29.75 -21.98 0.67
CA PRO E 47 -29.10 -23.29 0.69
C PRO E 47 -29.93 -24.42 0.08
N SER E 48 -31.09 -24.12 -0.48
CA SER E 48 -31.92 -25.13 -1.13
C SER E 48 -31.75 -25.14 -2.65
N LYS E 49 -30.75 -24.42 -3.16
CA LYS E 49 -30.48 -24.35 -4.59
C LYS E 49 -29.06 -24.71 -4.98
N LEU E 50 -28.11 -24.71 -4.04
CA LEU E 50 -26.75 -25.07 -4.36
C LEU E 50 -26.66 -26.56 -4.70
N PRO E 51 -26.00 -26.91 -5.80
CA PRO E 51 -25.90 -28.31 -6.19
C PRO E 51 -25.13 -29.14 -5.17
N GLN E 52 -25.59 -30.37 -4.96
CA GLN E 52 -24.86 -31.32 -4.15
C GLN E 52 -23.54 -31.65 -4.82
N TRP E 53 -22.53 -32.02 -4.03
CA TRP E 53 -21.24 -32.34 -4.61
C TRP E 53 -20.70 -33.50 -3.78
N ASN E 54 -19.43 -33.84 -3.95
CA ASN E 54 -18.89 -34.99 -3.22
C ASN E 54 -17.37 -34.91 -3.23
N TYR E 55 -16.75 -35.94 -2.69
CA TYR E 55 -15.30 -36.07 -2.73
C TYR E 55 -14.92 -37.52 -2.49
N ASP E 56 -13.62 -37.78 -2.45
CA ASP E 56 -13.07 -39.11 -2.19
C ASP E 56 -12.53 -39.14 -0.76
N GLY E 57 -12.95 -40.14 0.00
CA GLY E 57 -12.54 -40.27 1.38
C GLY E 57 -11.31 -41.15 1.57
N SER E 58 -10.88 -41.81 0.50
CA SER E 58 -9.69 -42.64 0.59
C SER E 58 -8.45 -41.80 0.85
N SER E 59 -8.35 -40.64 0.23
CA SER E 59 -7.20 -39.76 0.43
C SER E 59 -7.23 -39.13 1.82
N SER E 68 -12.92 -43.45 -1.11
CA SER E 68 -14.30 -43.71 -0.73
C SER E 68 -15.18 -42.49 -0.96
N GLU E 69 -16.20 -42.66 -1.82
CA GLU E 69 -17.10 -41.58 -2.16
C GLU E 69 -17.83 -41.08 -0.91
N VAL E 70 -17.89 -39.75 -0.75
CA VAL E 70 -18.57 -39.15 0.39
C VAL E 70 -19.39 -37.95 -0.05
N ILE E 71 -20.71 -38.10 -0.15
CA ILE E 71 -21.55 -37.03 -0.68
C ILE E 71 -21.60 -35.87 0.32
N LEU E 72 -21.82 -34.66 -0.21
CA LEU E 72 -21.94 -33.45 0.58
C LEU E 72 -23.09 -32.61 0.05
N TYR E 73 -23.85 -32.01 0.97
CA TYR E 73 -25.05 -31.24 0.67
C TYR E 73 -24.91 -29.84 1.27
N PRO E 74 -25.37 -28.80 0.58
CA PRO E 74 -25.25 -27.43 1.11
C PRO E 74 -26.10 -27.21 2.35
N GLN E 75 -25.47 -26.84 3.47
CA GLN E 75 -26.20 -26.46 4.66
C GLN E 75 -26.06 -24.98 5.00
N ALA E 76 -24.84 -24.48 5.16
CA ALA E 76 -24.62 -23.10 5.60
C ALA E 76 -24.00 -22.29 4.48
N ILE E 77 -24.61 -21.15 4.16
CA ILE E 77 -24.11 -20.25 3.12
C ILE E 77 -23.77 -18.92 3.80
N TYR E 78 -22.48 -18.62 3.90
CA TYR E 78 -22.01 -17.38 4.51
C TYR E 78 -21.05 -16.71 3.56
N LYS E 79 -20.64 -15.48 3.89
CA LYS E 79 -19.67 -14.77 3.06
C LYS E 79 -18.26 -15.26 3.37
N ASP E 80 -17.28 -14.61 2.74
CA ASP E 80 -15.92 -15.11 2.72
C ASP E 80 -14.95 -14.06 3.22
N PRO E 81 -14.04 -14.41 4.13
CA PRO E 81 -13.05 -13.42 4.58
C PRO E 81 -12.05 -13.03 3.51
N PHE E 82 -11.38 -14.02 2.92
CA PHE E 82 -10.20 -13.79 2.08
C PHE E 82 -10.55 -13.60 0.61
N ARG E 83 -11.83 -13.53 0.26
CA ARG E 83 -12.17 -13.35 -1.15
C ARG E 83 -13.14 -12.19 -1.34
N ARG E 84 -14.07 -12.01 -0.40
CA ARG E 84 -14.96 -10.86 -0.41
C ARG E 84 -15.79 -10.78 -1.68
N GLY E 85 -16.48 -9.67 -1.87
CA GLY E 85 -17.32 -9.46 -3.05
C GLY E 85 -18.62 -10.26 -2.95
N ASN E 86 -18.76 -11.27 -3.80
CA ASN E 86 -19.87 -12.20 -3.74
C ASN E 86 -19.43 -13.63 -3.43
N ASN E 87 -18.13 -13.87 -3.30
CA ASN E 87 -17.64 -15.20 -2.98
C ASN E 87 -18.23 -15.68 -1.66
N ILE E 88 -18.57 -16.97 -1.60
CA ILE E 88 -19.37 -17.52 -0.54
C ILE E 88 -18.71 -18.78 -0.01
N LEU E 89 -18.65 -18.92 1.31
CA LEU E 89 -18.30 -20.19 1.93
C LEU E 89 -19.56 -20.99 2.22
N VAL E 90 -19.44 -22.31 2.09
CA VAL E 90 -20.55 -23.21 2.37
C VAL E 90 -20.05 -24.28 3.33
N MET E 91 -20.83 -24.51 4.39
CA MET E 91 -20.56 -25.53 5.39
C MET E 91 -21.47 -26.73 5.11
N CYS E 92 -20.85 -27.89 4.89
CA CYS E 92 -21.54 -29.10 4.49
C CYS E 92 -21.08 -30.27 5.35
N ASP E 93 -22.00 -31.19 5.60
CA ASP E 93 -21.75 -32.39 6.39
C ASP E 93 -21.53 -33.61 5.50
N ALA E 94 -20.84 -34.60 6.06
CA ALA E 94 -20.41 -35.77 5.29
C ALA E 94 -21.44 -36.89 5.39
N TYR E 95 -21.81 -37.44 4.24
CA TYR E 95 -22.73 -38.57 4.16
C TYR E 95 -22.06 -39.72 3.43
N THR E 96 -22.19 -40.92 3.98
CA THR E 96 -21.76 -42.09 3.22
C THR E 96 -22.81 -42.44 2.17
N PRO E 97 -22.39 -43.01 1.02
CA PRO E 97 -23.37 -43.34 -0.03
C PRO E 97 -24.29 -44.49 0.37
N GLU E 100 -27.33 -42.46 4.35
CA GLU E 100 -26.97 -42.60 5.75
C GLU E 100 -25.82 -41.68 6.11
N PRO E 101 -25.86 -41.09 7.31
CA PRO E 101 -24.74 -40.28 7.76
C PRO E 101 -23.51 -41.13 8.06
N ILE E 102 -22.34 -40.54 7.82
CA ILE E 102 -21.07 -41.18 8.18
C ILE E 102 -20.94 -41.05 9.69
N PRO E 103 -20.33 -42.03 10.38
CA PRO E 103 -20.19 -41.90 11.84
C PRO E 103 -19.44 -40.66 12.28
N THR E 104 -18.48 -40.18 11.49
CA THR E 104 -17.72 -38.99 11.87
C THR E 104 -18.54 -37.72 11.74
N ASN E 105 -19.71 -37.78 11.09
CA ASN E 105 -20.51 -36.58 10.88
C ASN E 105 -20.96 -35.95 12.19
N LYS E 106 -21.58 -36.75 13.07
CA LYS E 106 -22.07 -36.34 14.38
C LYS E 106 -23.13 -35.23 14.30
N ARG E 107 -23.67 -34.96 13.11
CA ARG E 107 -24.66 -33.90 12.95
C ARG E 107 -26.07 -34.42 12.71
N PHE E 108 -26.21 -35.66 12.23
CA PHE E 108 -27.54 -36.20 11.96
C PHE E 108 -28.34 -36.35 13.25
N ASP E 109 -27.68 -36.80 14.32
CA ASP E 109 -28.36 -36.91 15.62
C ASP E 109 -28.85 -35.56 16.10
N ALA E 110 -28.01 -34.53 15.99
CA ALA E 110 -28.42 -33.20 16.41
C ALA E 110 -29.57 -32.67 15.57
N ALA E 111 -29.51 -32.90 14.25
CA ALA E 111 -30.57 -32.44 13.38
C ALA E 111 -31.89 -33.12 13.70
N LYS E 112 -31.87 -34.43 13.93
CA LYS E 112 -33.10 -35.14 14.26
C LYS E 112 -33.62 -34.78 15.65
N ILE E 113 -32.71 -34.43 16.57
CA ILE E 113 -33.15 -33.98 17.89
C ILE E 113 -33.83 -32.63 17.79
N PHE E 114 -33.21 -31.69 17.06
CA PHE E 114 -33.75 -30.34 16.95
C PHE E 114 -34.95 -30.27 16.02
N SER E 115 -35.17 -31.27 15.18
CA SER E 115 -36.33 -31.29 14.30
C SER E 115 -37.54 -31.94 14.98
N GLU E 123 -36.85 -23.41 20.46
CA GLU E 123 -35.84 -22.45 20.03
C GLU E 123 -34.79 -22.23 21.12
N PRO E 124 -33.91 -23.21 21.32
CA PRO E 124 -32.89 -23.09 22.37
C PRO E 124 -31.67 -22.33 21.86
N TRP E 125 -31.39 -21.19 22.49
CA TRP E 125 -30.23 -20.39 22.17
C TRP E 125 -29.02 -20.89 22.98
N TYR E 126 -27.86 -20.94 22.34
CA TYR E 126 -26.67 -21.51 22.95
C TYR E 126 -25.49 -20.56 22.82
N GLY E 127 -24.71 -20.46 23.88
CA GLY E 127 -23.43 -19.78 23.84
C GLY E 127 -22.34 -20.67 24.41
N ILE E 128 -21.39 -21.05 23.57
CA ILE E 128 -20.30 -21.94 23.95
C ILE E 128 -19.02 -21.12 24.09
N GLU E 129 -18.09 -21.62 24.90
CA GLU E 129 -16.85 -20.94 25.19
C GLU E 129 -15.70 -21.65 24.49
N GLN E 130 -14.85 -20.89 23.81
CA GLN E 130 -13.72 -21.45 23.06
C GLN E 130 -12.44 -20.74 23.49
N GLU E 131 -11.39 -21.52 23.77
CA GLU E 131 -10.09 -20.98 24.10
C GLU E 131 -9.05 -21.57 23.16
N TYR E 132 -8.07 -20.75 22.76
CA TYR E 132 -7.04 -21.21 21.84
C TYR E 132 -5.70 -20.58 22.18
N THR E 133 -4.64 -21.39 22.11
CA THR E 133 -3.30 -20.96 22.47
C THR E 133 -2.45 -20.80 21.21
N LEU E 134 -1.75 -19.67 21.13
CA LEU E 134 -0.90 -19.35 19.99
C LEU E 134 0.55 -19.69 20.32
N LEU E 135 1.21 -20.42 19.42
CA LEU E 135 2.60 -20.80 19.61
C LEU E 135 3.39 -20.53 18.34
N GLN E 136 4.71 -20.40 18.52
CA GLN E 136 5.59 -20.19 17.38
C GLN E 136 5.63 -21.42 16.49
N LYS E 137 5.92 -21.19 15.21
CA LYS E 137 5.77 -22.24 14.20
C LYS E 137 6.76 -23.39 14.43
N GLU E 138 8.02 -23.08 14.75
CA GLU E 138 9.06 -24.10 14.77
C GLU E 138 9.68 -24.36 16.14
N VAL E 139 9.21 -23.70 17.19
CA VAL E 139 9.67 -23.99 18.55
C VAL E 139 8.54 -24.31 19.50
N LYS E 140 7.28 -24.13 19.11
CA LYS E 140 6.09 -24.48 19.88
C LYS E 140 5.89 -23.61 21.11
N TRP E 141 6.79 -22.63 21.36
CA TRP E 141 6.48 -21.76 22.50
C TRP E 141 5.64 -20.57 22.04
N PRO E 142 4.86 -19.98 22.94
CA PRO E 142 4.06 -18.81 22.57
C PRO E 142 4.94 -17.63 22.18
N ILE E 143 4.40 -16.79 21.29
CA ILE E 143 5.14 -15.62 20.82
C ILE E 143 5.33 -14.64 21.97
N GLY E 144 6.53 -14.06 22.05
CA GLY E 144 6.85 -13.11 23.10
C GLY E 144 7.10 -13.77 24.44
N PRO E 156 -2.08 -10.47 36.40
CA PRO E 156 -2.10 -9.14 35.76
C PRO E 156 -2.27 -9.23 34.25
N TYR E 157 -2.07 -10.43 33.69
CA TYR E 157 -2.22 -10.64 32.27
C TYR E 157 -3.67 -10.57 31.80
N TYR E 158 -4.63 -10.60 32.71
CA TYR E 158 -6.04 -10.70 32.34
C TYR E 158 -6.49 -9.49 31.54
N CYS E 159 -6.70 -9.69 30.23
CA CYS E 159 -7.07 -8.61 29.32
C CYS E 159 -6.02 -7.49 29.36
N GLY E 160 -4.75 -7.88 29.43
CA GLY E 160 -3.69 -6.90 29.55
C GLY E 160 -3.49 -6.09 28.28
N ILE E 161 -2.73 -5.01 28.41
CA ILE E 161 -2.49 -4.08 27.33
C ILE E 161 -1.00 -3.80 27.25
N GLY E 162 -0.56 -3.31 26.09
CA GLY E 162 0.82 -2.95 25.91
C GLY E 162 1.73 -4.16 25.71
N ALA E 163 3.02 -3.93 25.96
CA ALA E 163 4.01 -4.99 25.83
C ALA E 163 3.91 -5.98 26.98
N ASP E 164 4.37 -7.21 26.71
CA ASP E 164 4.44 -8.28 27.70
C ASP E 164 3.05 -8.72 28.18
N LYS E 165 1.99 -8.17 27.59
CA LYS E 165 0.62 -8.56 27.94
C LYS E 165 -0.10 -9.19 26.76
N ALA E 166 -0.19 -8.49 25.62
CA ALA E 166 -0.89 -8.99 24.44
C ALA E 166 0.11 -9.22 23.33
N PHE E 167 0.15 -10.45 22.82
CA PHE E 167 1.07 -10.81 21.75
C PHE E 167 0.25 -11.15 20.51
N GLY E 168 0.51 -10.43 19.42
CA GLY E 168 -0.20 -10.67 18.18
C GLY E 168 -1.68 -10.36 18.26
N ARG E 169 -2.05 -9.21 18.84
CA ARG E 169 -3.44 -8.79 18.82
C ARG E 169 -3.91 -8.46 17.41
N ASP E 170 -2.99 -8.30 16.45
CA ASP E 170 -3.40 -8.09 15.07
C ASP E 170 -4.14 -9.31 14.53
N ILE E 171 -3.63 -10.52 14.81
CA ILE E 171 -4.32 -11.73 14.42
C ILE E 171 -5.72 -11.77 15.04
N VAL E 172 -5.81 -11.38 16.31
CA VAL E 172 -7.06 -11.47 17.04
C VAL E 172 -8.09 -10.48 16.49
N ASP E 173 -7.66 -9.25 16.22
CA ASP E 173 -8.55 -8.26 15.62
C ASP E 173 -8.98 -8.71 14.24
N ALA E 174 -8.06 -9.30 13.47
CA ALA E 174 -8.41 -9.80 12.15
C ALA E 174 -9.47 -10.87 12.24
N HIS E 175 -9.27 -11.86 13.13
CA HIS E 175 -10.25 -12.93 13.25
C HIS E 175 -11.59 -12.39 13.71
N TYR E 176 -11.58 -11.47 14.67
CA TYR E 176 -12.83 -10.93 15.19
C TYR E 176 -13.61 -10.23 14.08
N LYS E 177 -12.95 -9.34 13.33
CA LYS E 177 -13.66 -8.62 12.29
C LYS E 177 -14.06 -9.52 11.13
N ALA E 178 -13.25 -10.51 10.78
CA ALA E 178 -13.66 -11.46 9.76
C ALA E 178 -14.91 -12.22 10.20
N CYS E 179 -14.97 -12.62 11.48
CA CYS E 179 -16.13 -13.34 11.97
C CYS E 179 -17.38 -12.48 11.96
N LEU E 180 -17.27 -11.19 12.31
CA LEU E 180 -18.43 -10.31 12.15
C LEU E 180 -18.82 -10.19 10.67
N TYR E 181 -17.83 -10.11 9.78
CA TYR E 181 -18.11 -9.87 8.37
C TYR E 181 -18.83 -11.06 7.73
N ALA E 182 -18.38 -12.29 8.05
CA ALA E 182 -18.88 -13.46 7.35
C ALA E 182 -20.38 -13.64 7.57
N GLY E 183 -20.82 -13.64 8.82
CA GLY E 183 -22.20 -13.96 9.13
C GLY E 183 -22.30 -14.61 10.49
N ILE E 184 -21.17 -15.11 10.99
CA ILE E 184 -21.09 -15.53 12.38
C ILE E 184 -21.52 -14.37 13.25
N ASN E 185 -22.44 -14.62 14.17
CA ASN E 185 -22.86 -13.57 15.11
C ASN E 185 -22.06 -13.67 16.41
N ILE E 186 -20.74 -13.62 16.25
CA ILE E 186 -19.85 -13.61 17.41
C ILE E 186 -20.16 -12.36 18.23
N SER E 187 -20.02 -12.48 19.55
CA SER E 187 -20.50 -11.43 20.46
C SER E 187 -19.42 -10.79 21.32
N GLY E 188 -18.34 -11.49 21.63
CA GLY E 188 -17.32 -10.90 22.49
C GLY E 188 -16.06 -11.72 22.47
N ILE E 189 -15.00 -11.11 23.01
CA ILE E 189 -13.68 -11.71 23.03
C ILE E 189 -12.85 -11.06 24.12
N ASN E 190 -11.91 -11.83 24.68
CA ASN E 190 -11.09 -11.34 25.78
C ASN E 190 -9.84 -12.18 25.89
N GLY E 191 -8.88 -11.68 26.67
CA GLY E 191 -7.66 -12.40 26.97
C GLY E 191 -7.77 -13.16 28.28
N GLU E 192 -6.63 -13.73 28.70
CA GLU E 192 -6.59 -14.53 29.92
C GLU E 192 -5.25 -14.29 30.62
N VAL E 193 -4.97 -15.12 31.63
CA VAL E 193 -3.84 -14.90 32.53
C VAL E 193 -2.60 -15.64 32.07
N MET E 194 -2.71 -16.94 31.80
CA MET E 194 -1.57 -17.67 31.26
C MET E 194 -1.19 -17.06 29.92
N PRO E 195 0.09 -16.88 29.63
CA PRO E 195 0.48 -16.21 28.38
C PRO E 195 0.01 -16.98 27.15
N GLY E 196 -0.45 -16.23 26.16
CA GLY E 196 -0.61 -16.76 24.82
C GLY E 196 -1.95 -17.39 24.47
N GLN E 197 -3.02 -17.11 25.20
CA GLN E 197 -4.33 -17.60 24.80
C GLN E 197 -5.38 -16.51 24.91
N TRP E 198 -6.55 -16.80 24.36
CA TRP E 198 -7.66 -15.86 24.28
C TRP E 198 -8.94 -16.63 24.51
N GLU E 199 -10.07 -16.01 24.14
CA GLU E 199 -11.39 -16.62 24.25
C GLU E 199 -12.38 -15.71 23.56
N PHE E 200 -13.25 -16.30 22.73
CA PHE E 200 -14.27 -15.52 22.05
C PHE E 200 -15.64 -16.14 22.29
N GLN E 201 -16.65 -15.27 22.30
CA GLN E 201 -18.02 -15.64 22.66
C GLN E 201 -18.82 -15.86 21.39
N VAL E 202 -19.31 -17.08 21.20
CA VAL E 202 -19.93 -17.45 19.93
C VAL E 202 -21.24 -16.70 19.70
N GLY E 203 -21.88 -16.23 20.76
CA GLY E 203 -23.05 -15.41 20.63
C GLY E 203 -24.34 -16.20 20.65
N PRO E 204 -25.46 -15.50 20.82
CA PRO E 204 -26.76 -16.17 20.88
C PRO E 204 -27.38 -16.33 19.51
N SER E 205 -27.71 -17.58 19.13
CA SER E 205 -28.30 -17.88 17.84
C SER E 205 -29.34 -18.98 18.04
N VAL E 206 -30.03 -19.33 16.96
CA VAL E 206 -31.18 -20.22 17.03
C VAL E 206 -30.78 -21.63 16.62
N GLY E 207 -31.15 -22.59 17.46
CA GLY E 207 -31.12 -24.02 17.16
C GLY E 207 -29.74 -24.55 16.82
N ILE E 208 -29.74 -25.64 16.03
CA ILE E 208 -28.51 -26.32 15.68
C ILE E 208 -27.56 -25.41 14.93
N SER E 209 -28.11 -24.40 14.24
CA SER E 209 -27.25 -23.44 13.55
C SER E 209 -26.20 -22.89 14.49
N SER E 210 -26.58 -22.63 15.74
CA SER E 210 -25.63 -22.20 16.77
C SER E 210 -24.39 -23.07 16.73
N GLY E 211 -24.55 -24.37 16.96
CA GLY E 211 -23.39 -25.26 16.91
C GLY E 211 -22.66 -25.15 15.60
N ASP E 212 -23.42 -25.19 14.49
CA ASP E 212 -22.81 -25.04 13.17
C ASP E 212 -21.94 -23.79 13.11
N GLN E 213 -22.47 -22.67 13.61
CA GLN E 213 -21.73 -21.42 13.51
C GLN E 213 -20.40 -21.53 14.20
N LEU E 214 -20.36 -22.16 15.38
CA LEU E 214 -19.07 -22.39 16.03
C LEU E 214 -18.08 -22.96 15.06
N TRP E 215 -18.42 -24.11 14.46
CA TRP E 215 -17.51 -24.76 13.52
C TRP E 215 -17.06 -23.77 12.47
N MET E 216 -18.03 -23.10 11.83
CA MET E 216 -17.69 -22.18 10.76
C MET E 216 -16.71 -21.13 11.26
N ALA E 217 -17.03 -20.50 12.40
CA ALA E 217 -16.17 -19.46 12.92
C ALA E 217 -14.79 -20.02 13.23
N ARG E 218 -14.75 -21.21 13.84
CA ARG E 218 -13.45 -21.82 14.11
C ARG E 218 -12.65 -21.95 12.84
N TYR E 219 -13.30 -22.40 11.76
CA TYR E 219 -12.66 -22.50 10.45
C TYR E 219 -11.85 -21.25 10.15
N ILE E 220 -12.51 -20.08 10.21
CA ILE E 220 -11.88 -18.86 9.76
C ILE E 220 -10.54 -18.67 10.46
N LEU E 221 -10.52 -18.96 11.76
CA LEU E 221 -9.32 -18.72 12.55
C LEU E 221 -8.10 -19.34 11.91
N GLU E 222 -8.17 -20.62 11.53
CA GLU E 222 -6.95 -21.28 11.05
C GLU E 222 -6.39 -20.55 9.85
N ARG E 223 -7.25 -20.17 8.90
CA ARG E 223 -6.76 -19.48 7.71
C ARG E 223 -5.98 -18.24 8.11
N ILE E 224 -6.56 -17.44 9.02
CA ILE E 224 -5.90 -16.21 9.44
C ILE E 224 -4.56 -16.54 10.11
N THR E 225 -4.55 -17.56 10.97
CA THR E 225 -3.29 -17.91 11.60
C THR E 225 -2.27 -18.37 10.57
N GLU E 226 -2.74 -19.02 9.51
CA GLU E 226 -1.84 -19.48 8.45
C GLU E 226 -1.12 -18.31 7.78
N ILE E 227 -1.67 -17.11 7.86
CA ILE E 227 -0.98 -15.95 7.30
C ILE E 227 0.27 -15.63 8.10
N ALA E 228 0.21 -15.78 9.42
CA ALA E 228 1.26 -15.26 10.30
C ALA E 228 2.35 -16.25 10.64
N GLY E 229 2.27 -17.49 10.16
CA GLY E 229 3.27 -18.47 10.56
C GLY E 229 3.20 -18.82 12.04
N VAL E 230 2.00 -19.02 12.56
CA VAL E 230 1.76 -19.32 13.97
C VAL E 230 0.94 -20.61 14.01
N VAL E 231 1.06 -21.36 15.10
CA VAL E 231 0.30 -22.59 15.28
C VAL E 231 -0.73 -22.37 16.38
N VAL E 232 -1.99 -22.67 16.07
CA VAL E 232 -3.10 -22.56 17.00
C VAL E 232 -3.35 -23.95 17.59
N SER E 233 -3.34 -24.03 18.91
CA SER E 233 -3.63 -25.28 19.61
C SER E 233 -4.84 -25.07 20.50
N PHE E 234 -5.91 -25.80 20.24
CA PHE E 234 -7.10 -25.77 21.08
C PHE E 234 -7.04 -26.76 22.23
N ASP E 235 -6.04 -27.63 22.26
CA ASP E 235 -5.99 -28.68 23.27
C ASP E 235 -5.78 -28.08 24.66
N PRO E 236 -6.34 -28.70 25.69
CA PRO E 236 -6.26 -28.12 27.05
C PRO E 236 -4.83 -27.95 27.55
N LYS E 237 -3.93 -28.87 27.22
CA LYS E 237 -2.56 -28.85 27.72
C LYS E 237 -1.59 -28.98 26.56
N PRO E 238 -1.28 -27.87 25.87
CA PRO E 238 -0.26 -27.86 24.82
C PRO E 238 1.12 -28.20 25.34
N HIS E 249 -17.77 -23.89 28.83
CA HIS E 249 -19.08 -23.64 29.41
C HIS E 249 -20.12 -23.43 28.31
N THR E 250 -21.39 -23.62 28.66
CA THR E 250 -22.49 -23.49 27.71
C THR E 250 -23.61 -22.67 28.34
N ASN E 251 -24.19 -21.77 27.54
CA ASN E 251 -25.32 -20.96 27.96
C ASN E 251 -26.59 -21.50 27.29
N TYR E 252 -27.70 -21.44 28.03
CA TYR E 252 -28.97 -21.97 27.56
C TYR E 252 -30.07 -20.95 27.83
N SER E 253 -30.92 -20.71 26.84
CA SER E 253 -32.05 -19.81 26.98
C SER E 253 -33.08 -20.13 25.92
N THR E 254 -34.36 -20.20 26.24
CA THR E 254 -35.31 -20.65 25.22
C THR E 254 -36.18 -19.59 24.61
N LYS E 255 -37.26 -20.02 23.98
CA LYS E 255 -38.20 -19.07 23.45
C LYS E 255 -39.07 -18.74 24.64
N SER E 256 -39.16 -19.69 25.57
CA SER E 256 -39.89 -19.43 26.81
C SER E 256 -39.10 -18.38 27.56
N MET E 257 -37.77 -18.46 27.49
CA MET E 257 -36.92 -17.42 28.10
C MET E 257 -36.57 -16.41 27.01
N ARG E 258 -35.28 -16.23 26.75
CA ARG E 258 -34.87 -15.33 25.66
C ARG E 258 -33.58 -15.71 24.95
N SER E 259 -32.62 -14.79 24.92
CA SER E 259 -31.36 -15.04 24.22
C SER E 259 -30.18 -14.99 25.18
N SER E 336 -15.68 -35.95 26.20
CA SER E 336 -14.43 -35.19 26.21
C SER E 336 -14.24 -34.48 24.88
N ASN E 337 -14.98 -34.90 23.88
CA ASN E 337 -14.87 -34.28 22.57
C ASN E 337 -15.31 -32.84 22.65
N MET E 338 -14.61 -31.96 21.94
CA MET E 338 -15.04 -30.58 21.89
C MET E 338 -16.06 -30.51 20.78
N ASP E 339 -17.28 -30.96 21.05
CA ASP E 339 -18.27 -31.02 20.00
C ASP E 339 -19.42 -30.02 20.13
N PRO E 340 -19.47 -28.95 19.28
CA PRO E 340 -20.68 -28.13 19.37
C PRO E 340 -21.92 -28.95 19.12
N TYR E 341 -21.79 -30.20 18.69
CA TYR E 341 -23.00 -30.94 18.38
C TYR E 341 -23.43 -31.81 19.55
N ILE E 342 -22.51 -32.62 20.08
CA ILE E 342 -22.86 -33.57 21.13
C ILE E 342 -23.31 -32.82 22.39
N VAL E 343 -22.54 -31.81 22.79
CA VAL E 343 -22.86 -31.09 24.03
C VAL E 343 -24.19 -30.35 23.90
N THR E 344 -24.38 -29.66 22.77
CA THR E 344 -25.62 -28.91 22.57
C THR E 344 -26.83 -29.84 22.52
N SER E 345 -26.71 -30.98 21.81
CA SER E 345 -27.80 -31.92 21.74
C SER E 345 -28.11 -32.52 23.12
N MET E 346 -27.07 -32.86 23.89
CA MET E 346 -27.30 -33.42 25.21
C MET E 346 -27.95 -32.41 26.15
N ILE E 347 -27.59 -31.14 26.04
CA ILE E 347 -28.22 -30.12 26.87
C ILE E 347 -29.67 -29.90 26.45
N ALA E 348 -29.94 -29.95 25.14
CA ALA E 348 -31.31 -29.78 24.64
C ALA E 348 -32.11 -31.06 24.74
N ASN E 349 -31.47 -32.16 25.05
CA ASN E 349 -32.21 -33.39 25.22
C ASN E 349 -32.96 -33.29 26.52
N THR E 350 -32.29 -32.76 27.54
CA THR E 350 -32.90 -32.68 28.84
C THR E 350 -33.87 -31.54 29.02
N THR E 351 -33.96 -30.61 28.07
CA THR E 351 -34.82 -29.44 28.26
C THR E 351 -35.76 -29.17 27.10
N ILE E 352 -35.22 -28.94 25.91
CA ILE E 352 -36.07 -28.72 24.74
C ILE E 352 -36.63 -30.06 24.27
N LEU E 353 -36.05 -31.16 24.74
CA LEU E 353 -36.49 -32.51 24.36
C LEU E 353 -36.39 -32.73 22.86
#